data_4RNP
#
_entry.id   4RNP
#
_cell.length_a   112.267
_cell.length_b   137.681
_cell.length_c   122.566
_cell.angle_alpha   90.00
_cell.angle_beta   96.36
_cell.angle_gamma   90.00
#
_symmetry.space_group_name_H-M   'P 1 21 1'
#
_entity_poly.entity_id   1
_entity_poly.type   'polypeptide(L)'
_entity_poly.pdbx_seq_one_letter_code
;MNTINIAKNDFSDIELAAIPFNTLADHYGERLAREQLALEHESYEMGEARFRKMFERQLKAGEVADNAAAKPLITTLLPK
MIARINDWFEEVKAKRGKRPTAFQFLQEIKPEAVAYITIKTTLACLTSADNTTVQAVASAIGRAIEDEARFGRIRDLEAK
HFKKNVEEQLNKRVGHVYKKAFMQVVEADMLSKGLLGGEAWSSWHKEDSIHVGVRCIEMLIESTGMVSLHRQNAGVVGQD
SETIELAPEYAEAIATRAGALAGISPMFQPCVVPPKPWTGITGGGYWANGRRPLALVRTHSKKALMRYEDVYMPEVYKAI
NIAQNTAWKINKKVLAVANVITKWKHCPVEDIPAIEREELPMKPEDIDMNPEALTAWKRAAAAVYRKDKARKSRRISLEF
MLEQANKFANHKAIWFPYNMDWRGRVYAVSMFNPQGNDMTKGLLTLAKGKPIGKEGYYWLKIHGANCAGVDKVPFPERIK
FIEENHENIMACAKSPLENTWWAEQDSPFCFLAFCFEYAGVQHHGLSYNCSLPLAFDGSCSGIQHFSAMLRDEVGGRAVN
LLPSETVQDIYGIVAKKVNEILQADAINGTDNEVVTVTDENTGEISEKVKLGTKALAGQWLAYGVTRSVTKRSVMTLAYG
SKEFGFRQQVLEDTIQPAIDSGKGLMFTQPNQAAGYMAKLIWESVSVTVVAAVEAMNWLKSAAKLLAAEVKDKKTGEILR
KRCAVHWVTPDGFPVWQEYKKPIQTRLNLMFLGQFRLQPTINTNKDSEIDAHKQESGIAPNFVHSQDGSHLRKTVVWAHE
KYGIESFALIHDSFGTIPADAANLFKAVRETMVDTYESCDVLADFYDQFADQLHESQLDKMPALPAKGNLNLRDILESDF
AFA
;
_entity_poly.pdbx_strand_id   A,B,C
#
# COMPACT_ATOMS: atom_id res chain seq x y z
CA ALA A 7 -48.54 26.61 -30.28
CA LYS A 8 -45.48 26.19 -32.54
CA ASN A 9 -43.80 22.80 -33.18
CA ASP A 10 -45.46 22.53 -36.63
CA PHE A 11 -44.15 25.67 -38.35
CA SER A 12 -40.81 24.92 -40.10
CA ASP A 13 -37.53 26.42 -38.93
CA ILE A 14 -37.60 28.57 -42.08
CA GLU A 15 -40.75 30.73 -41.83
CA LEU A 16 -40.77 30.46 -38.01
CA ALA A 17 -37.73 32.73 -38.30
CA ALA A 18 -39.43 35.29 -40.58
CA ILE A 19 -42.75 35.55 -38.71
CA PRO A 20 -41.41 37.52 -35.71
CA PHE A 21 -39.45 39.90 -37.94
CA ASN A 22 -42.53 40.41 -40.13
CA THR A 23 -45.21 41.04 -37.49
CA LEU A 24 -42.81 43.53 -35.91
CA ALA A 25 -41.43 45.49 -38.87
CA ASP A 26 -45.10 46.12 -39.60
CA HIS A 27 -45.98 47.41 -36.16
CA TYR A 28 -42.69 49.37 -35.77
CA GLY A 29 -40.96 49.62 -39.12
CA GLU A 30 -38.50 47.30 -40.88
CA ARG A 31 -35.64 49.44 -39.50
CA LEU A 32 -36.19 49.01 -35.73
CA ALA A 33 -37.28 45.42 -36.28
CA ARG A 34 -33.73 44.30 -37.03
CA GLU A 35 -32.21 46.28 -34.17
CA GLN A 36 -34.56 44.59 -31.70
CA LEU A 37 -33.84 41.08 -33.01
CA ALA A 38 -30.12 41.89 -33.33
CA LEU A 39 -30.12 43.46 -29.84
CA GLU A 40 -31.51 40.12 -28.71
CA HIS A 41 -29.10 37.83 -30.57
CA GLU A 42 -26.05 39.31 -28.78
CA SER A 43 -26.76 36.74 -26.06
CA TYR A 44 -25.81 33.71 -28.12
CA GLU A 45 -23.11 35.25 -30.37
CA MET A 46 -21.53 38.65 -30.96
CA GLY A 47 -22.49 39.84 -34.43
CA GLU A 48 -19.33 40.25 -36.47
CA ALA A 49 -20.93 43.37 -37.96
CA ARG A 50 -20.73 45.37 -34.73
CA PHE A 51 -17.39 43.67 -34.03
CA ARG A 52 -15.55 45.13 -37.06
CA LYS A 53 -16.15 48.55 -35.45
CA MET A 54 -16.05 47.42 -31.82
CA PHE A 55 -12.38 46.68 -32.51
CA GLU A 56 -11.64 50.43 -32.36
CA LYS A 71 -8.65 48.87 -25.82
CA PRO A 72 -11.87 47.04 -24.79
CA LEU A 73 -11.23 43.52 -23.47
CA ILE A 74 -13.71 41.93 -25.90
CA THR A 75 -11.46 42.91 -28.83
CA THR A 76 -8.64 40.75 -27.43
CA LEU A 77 -10.54 38.07 -25.49
CA LEU A 78 -12.75 36.94 -28.38
CA PRO A 79 -10.35 36.12 -31.28
CA LYS A 80 -8.36 33.92 -28.86
CA MET A 81 -11.18 31.86 -27.32
CA ILE A 82 -12.47 31.11 -30.85
CA ALA A 83 -9.17 29.81 -32.23
CA ARG A 84 -8.67 27.50 -29.25
CA ILE A 85 -12.10 26.02 -29.95
CA ASN A 86 -11.27 25.31 -33.59
CA ASP A 87 -7.85 24.09 -32.43
CA TRP A 88 -9.69 21.49 -30.34
CA PHE A 89 -12.24 20.15 -32.81
CA GLU A 90 -9.23 18.89 -34.77
CA GLU A 91 -7.42 17.28 -31.82
CA VAL A 92 -10.52 15.39 -30.72
CA LYS A 93 -11.14 14.54 -34.36
CA ALA A 94 -7.61 13.29 -34.92
CA LYS A 95 -7.64 10.37 -32.43
CA ARG A 96 -10.02 7.74 -33.98
CA GLY A 97 -13.10 7.41 -31.76
CA LYS A 98 -12.83 7.79 -27.95
CA ARG A 99 -14.55 11.23 -28.12
CA PRO A 100 -15.10 13.29 -24.89
CA THR A 101 -18.65 13.77 -23.58
CA ALA A 102 -17.80 17.47 -23.43
CA PHE A 103 -17.03 17.38 -27.16
CA GLN A 104 -20.05 15.26 -28.07
CA PHE A 105 -22.19 18.28 -27.21
CA LEU A 106 -19.85 21.12 -28.20
CA GLN A 107 -19.34 19.86 -31.77
CA GLU A 108 -22.29 20.93 -33.96
CA ILE A 109 -22.38 24.21 -31.99
CA LYS A 110 -20.83 27.26 -33.61
CA PRO A 111 -17.32 28.25 -32.41
CA GLU A 112 -18.19 31.97 -32.33
CA ALA A 113 -21.22 31.25 -30.18
CA VAL A 114 -19.16 29.18 -27.71
CA ALA A 115 -16.43 31.82 -27.77
CA TYR A 116 -18.87 34.63 -26.97
CA ILE A 117 -21.18 32.75 -24.59
CA THR A 118 -18.34 31.68 -22.27
CA ILE A 119 -16.64 35.12 -22.16
CA LYS A 120 -20.00 36.82 -21.36
CA THR A 121 -21.33 34.20 -18.87
CA THR A 122 -18.21 33.49 -16.74
CA LEU A 123 -17.74 37.24 -16.50
CA ALA A 124 -21.36 37.73 -15.48
CA CYS A 125 -21.26 34.97 -12.81
CA LEU A 126 -18.30 36.63 -11.09
CA THR A 127 -20.63 39.42 -9.94
CA SER A 128 -22.62 37.08 -7.69
CA ALA A 129 -20.83 36.41 -4.42
CA ASP A 130 -23.36 33.53 -4.31
CA ASN A 131 -22.41 31.82 -7.58
CA THR A 132 -18.76 31.75 -8.70
CA THR A 133 -17.87 28.12 -7.93
CA VAL A 134 -16.77 25.74 -10.72
CA GLN A 135 -20.15 23.99 -10.85
CA ALA A 136 -21.93 27.35 -10.75
CA VAL A 137 -20.06 29.07 -13.57
CA ALA A 138 -20.18 25.79 -15.50
CA SER A 139 -23.97 25.41 -15.23
CA ALA A 140 -24.46 29.01 -16.34
CA ILE A 141 -22.37 28.33 -19.48
CA GLY A 142 -23.93 24.92 -19.95
CA ARG A 143 -27.46 26.29 -20.13
CA ALA A 144 -26.44 29.29 -22.24
CA ILE A 145 -24.84 26.84 -24.66
CA GLU A 146 -27.83 24.45 -24.31
CA ASP A 147 -30.12 27.22 -25.56
CA GLU A 148 -27.62 27.92 -28.37
CA ALA A 149 -27.93 24.29 -29.44
CA ARG A 150 -31.74 24.30 -29.05
CA PHE A 151 -32.50 27.45 -31.02
CA GLY A 152 -29.72 28.15 -33.48
CA ARG A 153 -30.67 26.72 -36.83
CA ILE A 154 -33.34 29.41 -36.66
CA ARG A 155 -31.09 32.07 -35.14
CA ASP A 156 -28.93 31.65 -38.23
CA LEU A 157 -31.89 32.15 -40.52
CA GLU A 158 -33.65 34.80 -38.41
CA ALA A 159 -30.37 36.76 -38.35
CA LYS A 160 -29.90 36.55 -42.13
CA HIS A 161 -33.46 37.84 -42.51
CA PHE A 162 -32.55 41.33 -41.24
CA LYS A 163 -30.30 41.67 -44.29
CA LYS A 180 -43.76 54.10 -36.94
CA ALA A 181 -42.52 57.52 -35.76
CA PHE A 182 -43.28 59.73 -32.65
CA MET A 183 -44.73 57.05 -30.26
CA GLN A 184 -44.86 53.22 -29.88
CA VAL A 185 -47.27 50.90 -28.00
CA VAL A 186 -47.72 47.14 -27.35
CA GLU A 187 -48.44 44.76 -30.25
CA ALA A 188 -51.77 43.72 -28.55
CA ASP A 189 -52.01 39.91 -27.98
CA MET A 190 -54.97 39.70 -30.45
CA LEU A 191 -52.45 40.14 -33.30
CA SER A 192 -49.62 37.70 -32.43
CA LYS A 193 -49.89 34.70 -34.77
CA GLY A 194 -47.29 31.92 -34.56
CA LEU A 195 -45.31 33.67 -31.82
CA LEU A 196 -47.23 32.09 -28.96
CA GLY A 197 -45.25 30.20 -26.32
CA GLY A 198 -42.29 27.89 -26.80
CA GLU A 199 -40.16 25.18 -25.15
CA ALA A 200 -38.60 26.88 -22.12
CA TRP A 201 -37.20 24.02 -20.04
CA SER A 202 -33.68 22.55 -20.31
CA SER A 203 -33.09 19.05 -21.67
CA TRP A 204 -29.42 18.29 -20.84
CA HIS A 205 -28.57 16.63 -17.54
CA LYS A 206 -26.77 18.85 -15.13
CA GLU A 207 -23.69 16.52 -15.21
CA ASP A 208 -23.85 16.71 -19.00
CA SER A 209 -24.25 20.50 -18.96
CA ILE A 210 -21.44 20.99 -16.43
CA HIS A 211 -19.05 18.81 -18.44
CA VAL A 212 -19.80 21.12 -21.39
CA GLY A 213 -19.32 24.13 -19.16
CA VAL A 214 -16.05 22.96 -17.59
CA ARG A 215 -14.53 22.21 -21.01
CA CYS A 216 -15.57 25.77 -21.89
CA ILE A 217 -14.15 27.40 -18.78
CA GLU A 218 -10.92 25.60 -19.66
CA MET A 219 -10.56 26.83 -23.25
CA LEU A 220 -11.07 30.29 -21.75
CA ILE A 221 -8.29 29.96 -19.16
CA GLU A 222 -5.84 28.42 -21.65
CA SER A 223 -6.49 31.16 -24.23
CA THR A 224 -6.83 34.11 -21.88
CA GLY A 225 -5.73 34.42 -18.28
CA MET A 226 -9.19 35.77 -17.45
CA VAL A 227 -10.80 33.15 -15.26
CA SER A 228 -8.50 31.18 -12.97
CA LEU A 229 -9.27 28.23 -10.69
CA HIS A 230 -8.88 28.37 -6.90
CA ARG A 231 -8.53 25.23 -4.80
CA SER A 241 -11.07 23.38 -6.42
CA GLU A 242 -14.37 25.06 -5.53
CA THR A 243 -14.18 28.59 -7.00
CA ILE A 244 -13.16 30.72 -10.00
CA GLU A 245 -11.72 34.24 -9.80
CA LEU A 246 -10.85 37.10 -12.11
CA ALA A 247 -7.10 37.31 -12.64
CA PRO A 248 -5.83 40.77 -11.53
CA GLU A 249 -4.02 40.87 -14.88
CA TYR A 250 -7.54 41.79 -16.05
CA ALA A 251 -9.25 42.77 -12.77
CA GLU A 252 -7.41 46.08 -12.99
CA ALA A 253 -8.51 46.78 -16.56
CA ILE A 254 -12.22 46.47 -15.73
CA ALA A 255 -11.51 48.77 -12.78
CA THR A 256 -9.26 51.54 -14.11
CA ARG A 257 -10.07 51.63 -17.84
CA ALA A 258 -13.06 53.25 -19.54
CA GLY A 259 -14.53 51.08 -22.28
CA ALA A 260 -13.50 47.99 -20.30
CA LEU A 261 -16.57 45.81 -20.96
CA ALA A 262 -17.63 47.69 -24.12
CA GLY A 263 -18.88 44.70 -26.11
CA ILE A 264 -19.66 42.11 -23.45
CA SER A 265 -23.47 42.19 -23.23
CA PRO A 266 -25.57 40.51 -20.48
CA MET A 267 -27.64 37.44 -21.31
CA PHE A 268 -30.94 39.25 -20.88
CA GLN A 269 -31.11 42.71 -22.44
CA PRO A 270 -33.98 45.28 -22.37
CA CYS A 271 -36.05 45.69 -25.52
CA VAL A 272 -35.94 48.72 -27.83
CA VAL A 273 -39.52 48.05 -29.01
CA PRO A 274 -42.67 47.23 -26.99
CA PRO A 275 -42.27 43.72 -25.48
CA LYS A 276 -44.50 40.93 -26.80
CA PRO A 277 -47.64 40.48 -24.67
CA TRP A 278 -48.11 37.18 -22.83
CA THR A 279 -50.77 34.60 -23.73
CA GLY A 280 -49.33 31.37 -22.41
CA ILE A 281 -47.05 29.88 -19.76
CA THR A 282 -43.98 30.48 -21.94
CA GLY A 283 -42.86 32.61 -24.87
CA GLY A 284 -43.88 36.14 -24.03
CA GLY A 285 -41.62 39.14 -23.78
CA TYR A 286 -38.78 38.80 -26.22
CA TRP A 287 -39.51 38.92 -29.95
CA ALA A 288 -36.82 36.67 -31.43
CA ASN A 289 -38.10 33.24 -32.47
CA GLY A 290 -34.47 32.17 -32.66
CA ARG A 291 -33.83 32.18 -28.91
CA ARG A 292 -34.85 30.52 -25.67
CA PRO A 293 -38.35 31.78 -24.85
CA LEU A 294 -38.77 33.12 -21.29
CA ALA A 295 -41.33 31.60 -18.92
CA LEU A 296 -44.26 33.08 -17.05
CA VAL A 297 -43.54 32.06 -13.43
CA ARG A 298 -40.10 30.83 -12.25
CA THR A 299 -40.73 27.19 -11.30
CA HIS A 300 -37.89 24.98 -10.02
CA SER A 301 -39.19 22.03 -12.05
CA LYS A 302 -40.96 21.91 -15.46
CA LYS A 303 -43.70 19.85 -13.71
CA ALA A 304 -44.53 22.92 -11.60
CA LEU A 305 -44.68 25.14 -14.68
CA MET A 306 -47.25 23.18 -16.67
CA ARG A 307 -49.56 23.54 -13.67
CA TYR A 308 -50.13 27.17 -14.74
CA GLU A 309 -50.93 26.04 -18.30
CA ASP A 310 -54.60 26.59 -19.24
CA VAL A 311 -55.34 28.03 -15.77
CA TYR A 312 -57.76 30.85 -16.51
CA MET A 313 -56.34 34.02 -14.97
CA PRO A 314 -56.95 37.09 -17.19
CA GLU A 315 -56.41 39.65 -14.46
CA VAL A 316 -52.98 38.16 -13.66
CA TYR A 317 -51.87 37.65 -17.29
CA LYS A 318 -53.00 41.24 -17.90
CA ALA A 319 -51.37 42.93 -14.90
CA ILE A 320 -47.78 41.85 -15.49
CA ASN A 321 -48.50 42.66 -19.13
CA ILE A 322 -49.51 46.24 -18.34
CA ALA A 323 -46.48 46.60 -16.08
CA GLN A 324 -44.47 45.18 -18.96
CA ASN A 325 -45.24 48.15 -21.24
CA THR A 326 -44.22 51.19 -19.16
CA ALA A 327 -41.38 52.89 -21.10
CA TRP A 328 -38.04 53.94 -19.57
CA LYS A 329 -35.16 55.88 -21.13
CA ILE A 330 -32.01 56.23 -18.94
CA ASN A 331 -31.51 59.49 -17.00
CA LYS A 332 -28.68 60.86 -19.17
CA LYS A 333 -28.17 63.51 -16.49
CA VAL A 334 -27.05 60.79 -14.05
CA LEU A 335 -24.53 59.40 -16.55
CA ALA A 336 -21.93 62.13 -17.02
CA VAL A 337 -21.98 62.20 -13.21
CA ALA A 338 -21.65 58.43 -12.94
CA ASN A 339 -19.10 57.78 -15.69
CA VAL A 340 -16.94 60.48 -14.20
CA ILE A 341 -17.60 60.09 -10.46
CA THR A 342 -17.15 56.29 -10.22
CA LYS A 343 -13.79 55.82 -11.97
CA TRP A 344 -11.62 58.30 -10.06
CA LYS A 345 -10.96 57.65 -6.34
CA VAL A 349 -16.37 58.11 -6.02
CA GLU A 350 -17.50 60.36 -3.15
CA ASP A 351 -20.32 57.82 -2.85
CA ILE A 352 -19.72 54.38 -1.30
CA PRO A 353 -19.76 52.68 -4.72
CA ALA A 354 -17.87 49.49 -5.57
CA ILE A 355 -14.91 50.55 -7.77
CA GLU A 356 -12.25 51.14 -5.13
CA ARG A 357 -9.65 51.42 -7.93
CA GLU A 358 -6.72 50.29 -5.71
CA GLU A 359 -6.98 46.81 -4.10
CA LEU A 360 -6.61 46.36 -0.33
CA PRO A 361 -3.12 44.88 0.21
CA MET A 362 -2.47 41.92 2.52
CA LYS A 363 -1.23 43.11 5.94
CA PRO A 364 2.55 43.43 6.38
CA GLU A 365 3.72 40.01 7.69
CA ASP A 366 5.56 40.25 11.02
CA ILE A 367 8.86 38.45 11.85
CA ASP A 368 7.34 36.01 14.43
CA MET A 369 5.98 32.61 13.26
CA ASN A 370 4.36 30.77 16.18
CA PRO A 371 2.58 33.10 18.63
CA GLU A 372 -1.08 34.14 18.44
CA ALA A 373 0.31 36.58 15.87
CA LEU A 374 -0.67 33.75 13.54
CA THR A 375 -4.39 33.54 14.30
CA ALA A 376 -4.24 37.34 14.26
CA TRP A 377 -2.65 37.55 10.82
CA LYS A 378 -4.99 34.73 9.82
CA ARG A 379 -8.03 36.96 10.20
CA ALA A 380 -6.11 40.05 9.07
CA ALA A 381 -5.48 38.39 5.70
CA ALA A 382 -8.79 36.51 5.67
CA ALA A 383 -11.02 39.60 5.64
CA VAL A 384 -8.75 41.64 3.33
CA TYR A 385 -8.90 38.74 0.87
CA ARG A 386 -12.68 38.30 1.20
CA LYS A 387 -13.11 42.06 0.64
CA ASP A 388 -11.70 42.33 -2.90
CA LYS A 389 -13.09 38.78 -3.25
CA ALA A 390 -16.56 40.23 -2.70
CA ARG A 391 -15.63 43.58 -4.29
CA LYS A 392 -14.15 42.60 -7.68
CA SER A 393 -17.78 41.97 -8.51
CA ARG A 394 -19.03 45.29 -7.12
CA ARG A 395 -16.92 46.63 -10.01
CA ILE A 396 -17.62 43.91 -12.59
CA SER A 397 -21.36 44.56 -12.18
CA LEU A 398 -21.13 48.29 -11.41
CA GLU A 399 -19.64 48.63 -14.89
CA PHE A 400 -21.90 46.14 -16.67
CA MET A 401 -24.80 48.25 -15.35
CA LEU A 402 -23.05 51.47 -16.43
CA GLU A 403 -21.70 50.41 -19.81
CA GLN A 404 -25.24 49.18 -20.42
CA ALA A 405 -27.15 52.50 -20.39
CA ASN A 406 -24.48 54.23 -22.43
CA LYS A 407 -25.30 51.48 -24.94
CA PHE A 408 -29.06 52.10 -24.95
CA ALA A 409 -28.63 55.73 -23.84
CA ASN A 410 -29.63 57.97 -26.74
CA HIS A 411 -32.40 55.46 -27.42
CA LYS A 412 -35.91 56.99 -27.41
CA ALA A 413 -37.34 54.55 -24.81
CA ILE A 414 -36.58 51.12 -23.24
CA TRP A 415 -38.92 48.29 -22.31
CA PHE A 416 -37.95 45.86 -19.58
CA PRO A 417 -39.83 42.56 -19.99
CA TYR A 418 -41.31 40.85 -16.91
CA ASN A 419 -42.17 37.48 -15.24
CA MET A 420 -43.01 36.24 -11.70
CA ASP A 421 -41.70 33.64 -9.25
CA TRP A 422 -43.77 30.60 -8.32
CA ARG A 423 -45.27 32.68 -5.50
CA GLY A 424 -46.50 35.72 -7.45
CA ARG A 425 -44.07 38.70 -7.04
CA VAL A 426 -43.21 40.32 -10.40
CA TYR A 427 -39.60 40.54 -11.60
CA ALA A 428 -38.11 42.50 -14.50
CA VAL A 429 -36.14 40.30 -16.92
CA SER A 430 -32.71 41.86 -17.58
CA MET A 431 -29.39 42.71 -15.89
CA PHE A 432 -30.02 46.43 -16.15
CA ASN A 433 -33.51 46.93 -14.75
CA PRO A 434 -35.34 49.46 -12.50
CA GLN A 435 -35.22 46.95 -9.63
CA GLY A 436 -31.45 46.73 -9.29
CA ASN A 437 -29.28 48.50 -6.75
CA ASP A 438 -29.04 52.28 -6.58
CA MET A 439 -26.98 53.52 -9.55
CA THR A 440 -28.71 50.90 -11.70
CA LYS A 441 -31.96 52.65 -10.79
CA GLY A 442 -30.71 56.22 -10.62
CA LEU A 443 -29.57 55.91 -14.23
CA LEU A 444 -33.18 55.21 -15.23
CA THR A 445 -36.34 57.33 -15.59
CA LEU A 446 -39.70 57.00 -17.33
CA ALA A 447 -40.22 58.24 -20.90
CA LYS A 448 -43.86 59.39 -20.85
CA GLY A 449 -44.02 62.35 -18.45
CA LYS A 450 -46.68 64.92 -17.62
CA PRO A 451 -46.32 68.57 -16.45
CA ILE A 452 -45.55 68.57 -12.71
CA GLY A 453 -48.65 69.74 -10.87
CA LYS A 454 -48.77 71.63 -7.59
CA GLU A 455 -49.28 68.35 -5.78
CA GLY A 456 -47.00 66.52 -8.18
CA TYR A 457 -44.20 68.79 -7.01
CA TYR A 458 -45.26 68.12 -3.41
CA TRP A 459 -44.52 64.45 -4.03
CA LEU A 460 -41.12 64.99 -5.68
CA LYS A 461 -40.42 66.95 -2.50
CA ILE A 462 -41.13 63.88 -0.36
CA HIS A 463 -39.22 61.73 -2.86
CA GLY A 464 -35.99 63.63 -2.35
CA ALA A 465 -36.85 63.89 1.33
CA ASN A 466 -37.21 60.09 1.40
CA CYS A 467 -33.83 59.45 -0.28
CA ALA A 468 -31.89 61.41 2.34
CA GLY A 469 -33.77 61.92 5.60
CA VAL A 470 -37.56 61.45 5.78
CA ASP A 471 -38.89 57.89 6.37
CA LYS A 472 -39.21 58.68 10.11
CA VAL A 473 -40.74 62.16 10.60
CA PRO A 474 -44.20 63.13 9.35
CA PHE A 475 -45.06 64.54 5.92
CA PRO A 476 -44.86 68.23 6.96
CA GLU A 477 -41.37 67.71 8.45
CA ARG A 478 -40.37 65.70 5.38
CA ILE A 479 -41.18 68.65 3.12
CA LYS A 480 -39.06 70.87 5.38
CA PHE A 481 -35.85 68.98 4.51
CA ILE A 482 -35.83 69.81 0.78
CA GLU A 483 -37.06 73.39 1.46
CA GLU A 484 -34.50 73.85 4.25
CA ASN A 485 -31.89 72.69 1.74
CA HIS A 486 -33.19 74.58 -1.30
CA GLU A 487 -29.86 76.27 -2.04
CA ASN A 488 -28.07 73.00 -1.23
CA ILE A 489 -30.17 70.92 -3.64
CA MET A 490 -29.53 73.65 -6.22
CA ALA A 491 -25.83 73.61 -5.35
CA CYS A 492 -25.42 69.83 -5.50
CA ALA A 493 -27.10 69.77 -8.93
CA LYS A 494 -25.29 72.43 -11.01
CA THR A 500 -21.47 66.58 -3.81
CA TRP A 501 -24.04 66.77 -1.01
CA TRP A 502 -25.97 64.05 -2.81
CA ALA A 503 -23.30 61.34 -2.53
CA GLU A 504 -23.32 61.86 1.23
CA GLN A 505 -27.06 61.13 1.27
CA ASP A 506 -28.70 57.62 1.85
CA SER A 507 -30.36 56.49 -1.57
CA PRO A 508 -27.44 58.14 -3.09
CA PHE A 509 -28.06 58.26 -6.77
CA CYS A 510 -31.77 59.17 -6.70
CA PHE A 511 -31.18 62.16 -4.59
CA LEU A 512 -28.87 63.44 -7.54
CA ALA A 513 -31.52 62.26 -10.01
CA PHE A 514 -34.18 63.98 -7.91
CA CYS A 515 -32.05 67.12 -7.54
CA PHE A 516 -31.99 67.53 -11.32
CA GLU A 517 -35.78 67.53 -11.12
CA TYR A 518 -35.97 69.95 -8.22
CA ALA A 519 -33.77 72.45 -10.09
CA GLY A 520 -36.14 71.81 -12.99
CA VAL A 521 -39.54 72.59 -11.47
CA GLN A 522 -37.79 75.77 -10.32
CA HIS A 523 -36.53 76.78 -13.74
CA HIS A 524 -39.48 75.74 -15.87
CA GLY A 525 -42.37 76.14 -13.42
CA LEU A 526 -45.25 73.79 -12.57
CA SER A 527 -45.44 72.80 -16.19
CA TYR A 528 -41.96 71.29 -16.55
CA ASN A 529 -43.12 67.78 -17.67
CA CYS A 530 -40.86 65.80 -15.28
CA SER A 531 -41.05 61.99 -15.38
CA LEU A 532 -39.04 61.02 -12.26
CA PRO A 533 -40.90 58.03 -10.73
CA LEU A 534 -41.64 58.63 -7.05
CA ALA A 535 -40.98 55.20 -5.50
CA PHE A 536 -43.38 54.85 -2.59
CA ASP A 537 -42.08 51.99 -0.47
CA GLY A 538 -44.21 49.96 1.93
CA SER A 539 -43.74 49.27 5.67
CA CYS A 540 -43.41 45.76 7.10
CA SER A 541 -45.64 44.54 4.26
CA GLY A 542 -46.14 41.22 6.01
CA ILE A 543 -47.51 42.19 9.38
CA GLN A 544 -50.02 44.45 7.60
CA HIS A 545 -51.34 41.86 5.13
CA PHE A 546 -51.75 39.65 8.19
CA SER A 547 -53.00 42.30 10.64
CA ALA A 548 -55.50 43.26 7.93
CA MET A 549 -56.98 40.05 6.55
CA LEU A 550 -58.08 39.61 10.12
CA ARG A 551 -59.03 43.14 11.68
CA ASP A 552 -56.23 43.85 14.29
CA GLU A 553 -56.45 47.53 15.10
CA VAL A 554 -53.51 47.24 17.50
CA GLY A 555 -50.96 45.20 15.33
CA GLY A 556 -52.06 47.05 12.05
CA ARG A 557 -51.79 50.61 13.43
CA ALA A 558 -48.21 49.95 14.51
CA VAL A 559 -47.60 48.57 11.00
CA ASN A 560 -48.97 51.95 9.65
CA LEU A 561 -52.48 51.34 8.45
CA LEU A 562 -54.58 53.87 10.48
CA PRO A 563 -54.79 57.72 10.54
CA SER A 564 -51.80 60.10 10.38
CA GLU A 565 -49.90 61.68 13.49
CA THR A 566 -46.48 60.00 13.65
CA VAL A 567 -44.78 57.31 11.52
CA GLN A 568 -44.90 54.83 14.39
CA ASP A 569 -42.09 52.24 14.33
CA ILE A 570 -42.96 48.70 15.47
CA TYR A 571 -39.35 47.92 16.46
CA GLY A 572 -39.43 50.82 18.89
CA ILE A 573 -42.86 49.67 20.15
CA VAL A 574 -41.82 46.02 20.69
CA ALA A 575 -38.72 47.20 22.56
CA LYS A 576 -40.76 49.33 25.02
CA LYS A 577 -43.45 46.63 25.16
CA VAL A 578 -41.13 43.78 26.16
CA ASN A 579 -38.98 46.13 28.30
CA GLU A 580 -42.04 46.82 30.44
CA ILE A 581 -42.67 43.05 30.51
CA LEU A 582 -38.96 42.69 31.45
CA GLN A 583 -38.88 45.02 34.49
CA ALA A 584 -41.19 42.42 36.13
CA ASP A 585 -40.84 43.64 39.73
CA ALA A 586 -37.64 45.69 40.06
CA LEU A 611 -35.87 37.46 37.11
CA GLY A 612 -32.49 36.60 38.64
CA THR A 613 -30.22 38.21 36.02
CA LYS A 614 -33.05 40.62 35.16
CA ALA A 615 -30.77 43.54 35.90
CA LEU A 616 -28.43 41.73 33.51
CA ALA A 617 -31.07 42.35 30.81
CA GLY A 618 -29.64 45.89 30.82
CA GLN A 619 -27.22 44.42 28.18
CA TRP A 620 -29.12 46.73 25.72
CA LEU A 621 -32.86 46.41 26.50
CA ALA A 622 -33.44 48.76 23.45
CA TYR A 623 -34.71 48.00 19.90
CA GLY A 624 -31.54 46.40 18.41
CA VAL A 625 -31.65 43.78 21.23
CA THR A 626 -35.21 42.84 20.12
CA ARG A 627 -35.31 44.06 16.45
CA SER A 628 -33.98 41.37 14.01
CA VAL A 629 -35.82 38.72 16.07
CA THR A 630 -39.15 40.65 16.09
CA LYS A 631 -39.80 40.37 12.31
CA ARG A 632 -38.61 38.11 9.46
CA SER A 633 -36.97 36.08 12.24
CA VAL A 634 -39.42 33.27 13.06
CA MET A 635 -39.30 31.35 9.78
CA PHE A 646 -42.51 29.67 19.34
CA ARG A 647 -39.07 28.05 20.06
CA GLN A 648 -36.22 30.27 18.71
CA GLN A 649 -34.24 31.53 15.68
CA VAL A 650 -30.62 30.68 14.69
CA LEU A 651 -29.66 33.95 12.95
CA GLU A 652 -31.84 36.05 15.28
CA ASP A 653 -31.08 34.61 18.75
CA THR A 654 -27.26 34.53 19.05
CA ILE A 655 -25.35 37.75 18.10
CA GLN A 656 -26.65 39.83 21.14
CA PRO A 657 -24.73 38.58 24.22
CA ALA A 658 -22.37 36.87 21.75
CA ILE A 659 -20.87 40.36 21.39
CA ASP A 660 -22.56 42.03 24.38
CA SER A 661 -20.17 40.18 26.70
CA GLY A 662 -17.17 42.14 25.47
CA LYS A 663 -19.38 45.25 25.84
CA GLY A 664 -21.41 45.00 29.10
CA LEU A 665 -19.87 42.90 31.92
CA MET A 666 -22.50 40.64 33.53
CA PHE A 667 -22.88 36.82 33.55
CA THR A 668 -25.06 33.74 32.73
CA GLN A 669 -23.97 34.14 29.02
CA PRO A 670 -25.71 31.33 27.09
CA ASN A 671 -28.84 30.41 29.08
CA GLN A 672 -30.61 33.38 30.78
CA ALA A 673 -29.91 36.20 28.32
CA ALA A 674 -30.49 33.96 25.29
CA GLY A 675 -33.33 31.56 25.98
CA TYR A 676 -35.24 33.73 28.46
CA MET A 677 -34.97 36.93 26.42
CA ALA A 678 -35.86 34.84 23.40
CA LYS A 679 -39.10 33.90 25.19
CA LEU A 680 -40.19 37.45 26.10
CA ILE A 681 -38.95 38.36 22.59
CA TRP A 682 -42.03 36.42 21.55
CA GLU A 683 -44.30 37.35 24.48
CA SER A 684 -43.99 40.93 23.32
CA VAL A 685 -44.47 40.07 19.65
CA SER A 686 -47.51 37.87 20.42
CA VAL A 687 -49.20 40.82 22.18
CA THR A 688 -48.17 43.39 19.55
CA VAL A 689 -49.13 41.72 16.26
CA VAL A 690 -51.55 39.03 17.50
CA ALA A 691 -52.67 38.64 13.88
CA ALA A 692 -49.21 37.84 12.56
CA VAL A 693 -48.74 35.26 15.32
CA GLU A 694 -52.29 33.99 14.69
CA ALA A 695 -52.22 33.74 10.89
CA MET A 696 -48.59 32.57 10.84
CA ASN A 697 -49.52 29.78 13.27
CA TRP A 698 -52.63 28.77 11.28
CA LEU A 699 -50.94 28.49 7.88
CA LYS A 700 -48.28 26.26 9.47
CA SER A 701 -50.68 23.66 10.81
CA ALA A 702 -52.45 23.76 7.43
CA ALA A 703 -49.10 23.28 5.70
CA LYS A 704 -48.14 20.46 8.08
CA LEU A 705 -51.30 18.31 8.00
CA LEU A 706 -51.44 18.74 4.20
CA ALA A 707 -47.76 17.69 3.97
CA ALA A 708 -47.84 14.89 6.56
CA LYS A 721 -44.37 14.43 3.51
CA ARG A 722 -47.00 13.81 1.35
CA CYS A 723 -48.87 16.78 -0.23
CA ALA A 724 -48.12 20.33 -1.33
CA VAL A 725 -49.85 23.44 0.01
CA HIS A 726 -52.08 25.01 -2.67
CA TRP A 727 -53.70 28.43 -2.40
CA VAL A 728 -54.85 31.15 -4.83
CA THR A 729 -54.02 34.87 -4.81
CA PRO A 730 -56.92 37.35 -5.28
CA ASP A 731 -55.83 37.95 -8.92
CA GLY A 732 -56.71 34.34 -9.64
CA PHE A 733 -53.05 33.32 -9.81
CA PRO A 734 -52.76 29.88 -8.22
CA VAL A 735 -49.75 28.94 -6.05
CA TRP A 736 -48.33 25.47 -5.43
CA GLN A 737 -45.72 25.44 -2.67
CA GLU A 738 -43.99 22.08 -3.04
CA TYR A 739 -40.70 22.09 -1.14
CA LYS A 740 -38.52 19.00 -1.49
CA LYS A 741 -35.54 17.13 -0.14
CA PRO A 742 -33.07 17.06 -3.08
CA ILE A 743 -31.03 14.21 -4.54
CA GLN A 744 -27.30 15.01 -4.67
CA THR A 745 -24.54 13.25 -6.62
CA ARG A 746 -20.88 14.17 -6.15
CA LEU A 747 -19.11 14.07 -9.51
CA ASN A 748 -15.45 14.21 -10.57
CA LEU A 749 -13.81 17.04 -12.53
CA MET A 750 -10.53 16.28 -14.33
CA PHE A 755 -6.35 19.41 -10.34
CA ARG A 756 -9.07 17.16 -9.66
CA LEU A 757 -12.14 18.79 -8.08
CA GLN A 758 -15.33 16.99 -7.04
CA PRO A 759 -18.21 19.26 -5.81
CA THR A 760 -21.59 17.99 -4.59
CA ILE A 761 -24.19 18.83 -7.24
CA ASN A 762 -27.97 18.93 -6.84
CA THR A 763 -29.47 16.72 -9.62
CA ASN A 764 -33.10 16.61 -10.84
CA LYS A 765 -34.51 17.60 -7.42
CA ASP A 766 -37.27 15.00 -7.26
CA SER A 767 -37.52 12.59 -4.32
CA GLU A 768 -39.89 13.47 -1.47
CA ILE A 769 -41.48 16.61 -0.02
CA ASP A 770 -39.31 18.45 2.51
CA ALA A 771 -42.11 18.28 5.09
CA HIS A 772 -40.09 20.60 7.32
CA LYS A 773 -39.23 23.31 4.82
CA GLN A 774 -42.90 23.83 4.03
CA GLU A 775 -43.85 24.38 7.67
CA SER A 776 -41.35 27.24 8.00
CA GLY A 777 -41.91 28.55 4.51
CA ILE A 778 -45.70 28.67 4.63
CA ALA A 779 -46.29 32.05 6.26
CA PRO A 780 -43.53 34.10 4.59
CA ASN A 781 -44.27 32.25 1.33
CA PHE A 782 -47.95 33.16 1.76
CA VAL A 783 -47.90 36.93 2.38
CA HIS A 784 -45.41 37.18 -0.50
CA SER A 785 -48.03 35.72 -2.82
CA GLN A 786 -50.61 38.13 -1.38
CA ASP A 787 -48.56 41.34 -1.62
CA GLY A 788 -47.61 40.17 -5.09
CA SER A 789 -51.29 40.04 -5.94
CA HIS A 790 -52.03 43.42 -4.37
CA LEU A 791 -49.43 44.83 -6.77
CA ARG A 792 -50.83 43.05 -9.82
CA LYS A 793 -54.16 44.71 -8.99
CA THR A 794 -52.83 48.21 -8.36
CA VAL A 795 -51.07 48.13 -11.74
CA VAL A 796 -54.32 47.27 -13.54
CA TRP A 797 -56.62 49.42 -11.41
CA ALA A 798 -54.52 52.60 -11.25
CA HIS A 799 -54.49 52.20 -15.03
CA GLU A 800 -58.06 51.15 -15.82
CA LYS A 801 -59.37 53.79 -13.43
CA TYR A 802 -57.13 56.85 -13.05
CA GLY A 803 -55.65 56.15 -16.47
CA ILE A 804 -52.02 56.06 -15.33
CA GLU A 805 -49.76 54.36 -17.89
CA SER A 806 -46.23 54.43 -16.43
CA PHE A 807 -45.37 52.31 -13.38
CA ALA A 808 -42.08 51.65 -11.53
CA LEU A 809 -42.46 48.16 -10.03
CA ILE A 810 -40.27 46.84 -7.23
CA HIS A 811 -42.85 44.35 -5.87
CA ASP A 812 -43.22 46.40 -2.65
CA SER A 813 -42.71 49.96 -3.85
CA PHE A 814 -45.10 51.31 -6.48
CA GLY A 815 -44.54 54.49 -8.43
CA THR A 816 -45.56 56.61 -11.40
CA ILE A 817 -44.69 60.05 -12.80
CA PRO A 818 -45.27 63.00 -10.41
CA ALA A 819 -48.49 63.77 -12.28
CA ASP A 820 -50.31 60.56 -11.33
CA ALA A 821 -48.44 60.35 -8.03
CA ALA A 822 -51.53 61.50 -6.13
CA ASN A 823 -53.77 59.07 -8.05
CA LEU A 824 -51.55 55.99 -7.61
CA PHE A 825 -51.26 56.52 -3.84
CA LYS A 826 -55.05 56.45 -3.86
CA ALA A 827 -55.45 53.25 -5.94
CA VAL A 828 -53.04 51.36 -3.64
CA ARG A 829 -55.53 51.87 -0.80
CA GLU A 830 -58.62 51.09 -2.89
CA THR A 831 -57.37 47.67 -3.99
CA MET A 832 -55.95 46.90 -0.54
CA VAL A 833 -59.36 47.58 1.05
CA ASP A 834 -61.39 45.94 -1.77
CA THR A 835 -59.30 42.74 -1.50
CA TYR A 836 -59.69 41.88 2.20
CA GLU A 837 -63.23 43.32 2.24
CA SER A 838 -64.44 40.62 -0.18
CA CYS A 839 -61.98 37.83 0.65
CA ASP A 840 -61.60 35.63 3.70
CA VAL A 841 -57.99 34.62 2.77
CA LEU A 842 -57.37 31.95 5.48
CA ALA A 843 -60.89 30.51 5.46
CA ASP A 844 -60.81 30.65 1.65
CA PHE A 845 -57.56 28.67 1.86
CA TYR A 846 -59.14 26.26 4.35
CA ASP A 847 -61.60 25.46 1.54
CA GLN A 848 -58.67 23.87 -0.32
CA PHE A 849 -56.48 21.38 1.56
CA ALA A 850 -59.26 20.35 3.96
CA ASP A 851 -60.42 17.93 1.26
CA GLN A 852 -56.85 16.58 0.75
CA LEU A 853 -56.27 15.93 4.52
CA HIS A 854 -58.11 12.61 3.98
CA GLU A 855 -56.19 10.82 6.72
CA SER A 856 -57.49 10.58 10.29
CA GLN A 857 -55.96 14.08 10.54
CA LEU A 858 -59.55 15.40 10.16
CA ASP A 859 -59.25 16.47 13.81
CA LYS A 860 -55.95 18.36 13.88
CA MET A 861 -55.92 21.85 12.15
CA PRO A 862 -56.82 24.53 14.73
CA ALA A 863 -59.88 26.80 14.41
CA LEU A 864 -59.56 29.77 12.04
CA PRO A 865 -58.37 32.96 13.83
CA ALA A 866 -61.01 35.36 15.18
CA LYS A 867 -61.19 38.45 12.93
CA GLY A 868 -60.32 41.64 14.81
CA ASN A 869 -62.58 44.65 15.47
CA LEU A 870 -60.75 46.71 12.79
CA ASN A 871 -62.78 48.02 9.84
CA LEU A 872 -60.85 48.22 6.55
CA ARG A 873 -62.61 51.40 5.34
CA ASP A 874 -59.80 53.40 7.06
CA ILE A 875 -56.74 52.21 5.11
CA LEU A 876 -58.06 54.46 2.34
CA GLU A 877 -57.12 57.38 4.54
CA SER A 878 -54.04 56.02 6.33
CA ASP A 879 -51.47 58.17 4.56
CA PHE A 880 -48.48 56.59 6.31
CA ALA A 881 -49.58 53.00 5.52
CA PHE A 882 -48.24 53.10 1.97
CA ALA A 883 -46.06 56.23 2.01
CA ALA B 7 8.70 22.65 4.21
CA LYS B 8 11.33 22.65 7.00
CA ASN B 9 15.07 22.07 6.34
CA ASP B 10 15.81 25.82 6.66
CA PHE B 11 14.58 26.54 10.20
CA SER B 12 17.41 25.94 12.72
CA ASP B 13 17.31 23.11 15.25
CA ILE B 14 16.77 25.76 17.92
CA GLU B 15 13.47 27.48 17.06
CA LEU B 16 12.23 24.43 15.15
CA ALA B 17 11.96 22.94 18.63
CA ALA B 18 9.99 25.85 20.11
CA ILE B 19 7.49 26.32 17.23
CA PRO B 20 5.43 23.17 17.94
CA PHE B 21 5.30 23.90 21.68
CA ASN B 22 4.28 27.49 20.97
CA THR B 23 1.51 26.96 18.39
CA LEU B 24 0.06 24.35 20.74
CA ALA B 25 0.28 26.00 24.17
CA ASP B 26 -1.70 28.77 22.49
CA HIS B 27 -4.43 26.55 21.13
CA TYR B 28 -4.60 24.37 24.28
CA GLY B 29 -2.71 26.05 27.10
CA GLU B 30 0.97 25.94 28.11
CA ARG B 31 0.09 23.20 30.64
CA LEU B 32 -1.25 20.49 28.30
CA ALA B 33 1.30 21.44 25.67
CA ARG B 34 4.16 19.91 27.65
CA GLU B 35 2.21 16.77 28.55
CA GLN B 36 1.52 16.12 24.86
CA LEU B 37 5.14 16.65 23.81
CA ALA B 38 6.37 14.73 26.89
CA LEU B 39 3.80 11.96 26.24
CA GLU B 40 5.38 11.76 22.80
CA HIS B 41 9.04 11.76 23.84
CA GLU B 42 8.63 8.56 25.92
CA SER B 43 9.30 6.70 22.67
CA TYR B 44 12.96 7.71 22.39
CA GLU B 45 13.84 7.98 26.11
CA MET B 46 12.12 7.63 29.46
CA GLY B 47 12.02 11.03 31.13
CA GLU B 48 13.96 10.82 34.38
CA ALA B 49 11.29 13.07 35.90
CA ARG B 50 8.55 10.41 35.76
CA PHE B 51 11.23 7.82 36.61
CA ARG B 52 12.07 9.23 40.07
CA LYS B 53 8.46 8.39 41.01
CA MET B 54 8.04 5.38 38.74
CA PHE B 55 10.62 3.73 41.01
CA GLU B 56 7.93 3.30 43.69
CA LYS B 71 8.11 -3.80 41.72
CA PRO B 72 7.65 -2.78 38.04
CA LEU B 73 10.26 -4.34 35.75
CA ILE B 74 11.27 -0.96 34.27
CA THR B 75 12.67 0.11 37.65
CA THR B 76 15.18 -2.77 37.57
CA LEU B 77 15.69 -3.30 33.82
CA LEU B 78 16.64 0.31 33.00
CA PRO B 79 19.52 1.20 35.39
CA LYS B 80 21.30 -2.01 34.27
CA MET B 81 21.03 -1.64 30.48
CA ILE B 82 22.35 1.94 30.79
CA ALA B 83 25.46 1.06 32.80
CA ARG B 84 26.40 -1.71 30.38
CA ILE B 85 26.23 0.83 27.55
CA ASN B 86 28.58 3.25 29.33
CA ASP B 87 30.72 0.26 30.30
CA TRP B 88 31.13 -0.42 26.57
CA PHE B 89 31.93 3.03 25.22
CA GLU B 90 35.09 2.79 27.32
CA GLU B 91 36.11 -0.71 26.19
CA VAL B 92 35.74 0.17 22.52
CA LYS B 93 37.50 3.44 23.26
CA ALA B 94 40.38 1.77 25.07
CA LYS B 95 41.74 -0.31 22.15
CA ARG B 96 43.30 2.26 19.71
CA GLY B 97 41.28 2.27 16.49
CA LYS B 98 39.65 -0.94 15.16
CA ARG B 99 36.17 0.32 16.19
CA PRO B 100 33.04 -1.89 15.60
CA THR B 101 30.50 -0.83 12.97
CA ALA B 102 27.89 -1.33 15.69
CA PHE B 103 29.73 1.21 17.84
CA GLN B 104 30.35 3.67 15.00
CA PHE B 105 26.61 4.33 15.02
CA LEU B 106 25.82 3.83 18.72
CA GLN B 107 28.42 6.37 19.93
CA GLU B 108 27.00 9.91 19.64
CA ILE B 109 23.60 8.49 20.65
CA LYS B 110 22.52 8.98 24.26
CA PRO B 111 22.94 5.97 26.60
CA GLU B 112 19.53 6.54 28.25
CA ALA B 113 17.87 6.58 24.84
CA VAL B 114 19.55 3.31 23.83
CA ALA B 115 18.75 1.81 27.22
CA TYR B 116 15.07 2.72 26.96
CA ILE B 117 14.57 2.11 23.24
CA THR B 118 15.87 -1.49 23.38
CA ILE B 119 13.91 -2.47 26.53
CA LYS B 120 10.66 -1.07 24.99
CA THR B 121 11.18 -2.37 21.40
CA THR B 122 12.40 -5.96 22.05
CA LEU B 123 9.56 -6.31 24.51
CA ALA B 124 7.08 -4.98 21.97
CA CYS B 125 8.31 -7.27 19.15
CA LEU B 126 7.74 -10.36 21.32
CA THR B 127 3.98 -9.81 20.95
CA SER B 128 4.04 -10.53 17.21
CA ALA B 129 4.19 -14.25 16.50
CA ASP B 130 5.26 -12.94 13.05
CA ASN B 131 8.30 -10.91 14.12
CA THR B 132 10.49 -12.18 16.97
CA THR B 133 13.52 -13.43 15.01
CA VAL B 134 16.99 -11.92 15.58
CA GLN B 135 16.83 -9.88 12.36
CA ALA B 136 13.29 -8.80 13.17
CA VAL B 137 13.86 -7.57 16.73
CA ALA B 138 17.15 -6.04 15.54
CA SER B 139 15.57 -4.04 12.72
CA ALA B 140 12.89 -2.73 15.08
CA ILE B 141 15.60 -1.47 17.45
CA GLY B 142 17.75 -0.27 14.59
CA ARG B 143 15.06 2.00 13.20
CA ALA B 144 13.96 3.19 16.63
CA ILE B 145 17.59 4.12 17.31
CA GLU B 146 17.94 5.53 13.75
CA ASP B 147 15.14 7.97 14.49
CA GLU B 148 16.81 8.79 17.83
CA ALA B 149 19.95 9.71 15.91
CA ARG B 150 18.02 11.65 13.26
CA PHE B 151 15.88 13.80 15.56
CA GLY B 152 17.57 14.16 18.91
CA ARG B 153 19.52 17.38 18.96
CA ILE B 154 16.06 18.91 18.75
CA ARG B 155 14.42 16.43 21.14
CA ASP B 156 16.96 17.63 23.71
CA LEU B 157 16.02 21.25 23.12
CA GLU B 158 12.28 20.67 22.61
CA ALA B 159 12.24 18.75 25.90
CA LYS B 160 14.06 21.51 27.81
CA HIS B 161 11.49 23.96 26.43
CA PHE B 162 8.66 22.52 28.56
CA LYS B 163 10.62 23.66 31.62
CA LYS B 180 -8.42 26.09 26.97
CA ALA B 181 -11.00 24.51 29.30
CA PHE B 182 -14.29 22.54 28.73
CA MET B 183 -13.75 21.38 25.08
CA GLN B 184 -10.91 21.03 22.51
CA VAL B 185 -10.91 20.86 18.68
CA VAL B 186 -8.37 20.48 15.81
CA GLU B 187 -5.71 23.16 15.21
CA ALA B 188 -7.11 23.73 11.63
CA ASP B 189 -4.40 23.28 8.93
CA MET B 190 -4.70 27.02 7.99
CA LEU B 191 -2.77 27.83 11.20
CA SER B 192 0.17 25.39 11.19
CA LYS B 193 3.32 27.33 10.26
CA GLY B 194 6.69 25.54 10.19
CA LEU B 195 5.19 22.21 11.29
CA LEU B 196 4.46 20.99 7.77
CA GLY B 197 5.90 17.63 6.74
CA GLY B 198 9.31 16.20 7.50
CA GLU B 199 11.86 13.53 6.51
CA ALA B 200 10.09 10.21 7.17
CA TRP B 201 12.24 7.61 5.40
CA SER B 202 15.18 5.70 6.95
CA SER B 203 18.76 6.34 5.83
CA TRP B 204 20.78 3.48 7.41
CA HIS B 205 21.26 0.26 5.46
CA LYS B 206 19.42 -2.69 6.88
CA GLU B 207 22.76 -4.50 7.52
CA ASP B 208 23.96 -1.34 9.26
CA SER B 209 20.75 -1.03 11.27
CA ILE B 210 20.73 -4.71 12.25
CA HIS B 211 24.35 -4.57 13.41
CA VAL B 212 23.27 -1.68 15.66
CA GLY B 213 20.25 -3.67 16.78
CA VAL B 214 22.14 -6.90 17.49
CA ARG B 215 24.75 -5.06 19.59
CA CYS B 216 21.75 -3.62 21.47
CA ILE B 217 19.95 -6.91 21.96
CA GLU B 218 23.24 -8.18 23.38
CA MET B 219 23.78 -5.45 25.99
CA LEU B 220 20.22 -6.25 27.07
CA ILE B 221 20.82 -9.99 27.51
CA GLU B 222 24.15 -9.48 29.31
CA SER B 223 22.63 -6.93 31.72
CA THR B 224 19.23 -8.53 32.22
CA GLY B 225 18.14 -12.07 31.49
CA MET B 226 15.11 -10.64 29.65
CA VAL B 227 15.62 -11.55 26.02
CA SER B 228 17.40 -14.81 25.28
CA LEU B 229 18.54 -16.29 21.97
CA HIS B 230 17.17 -19.57 20.58
CA ARG B 231 19.04 -21.58 17.96
CA SER B 241 19.93 -18.83 15.92
CA GLU B 242 16.70 -17.55 14.36
CA THR B 243 14.53 -16.35 17.29
CA ILE B 244 14.45 -14.47 20.61
CA GLU B 245 12.26 -15.37 23.58
CA LEU B 246 11.26 -13.92 26.94
CA ALA B 247 13.06 -15.71 29.76
CA PRO B 248 10.48 -17.23 32.17
CA GLU B 249 12.52 -15.61 34.94
CA TYR B 250 10.57 -12.55 33.73
CA ALA B 251 7.74 -14.16 31.71
CA GLU B 252 6.05 -14.96 35.01
CA ALA B 253 6.34 -11.41 36.34
CA ILE B 254 4.51 -9.88 33.34
CA ALA B 255 1.90 -12.61 33.85
CA THR B 256 1.26 -12.78 37.60
CA ARG B 257 2.22 -9.30 38.83
CA ALA B 258 0.16 -6.10 38.62
CA GLY B 259 2.22 -3.10 37.59
CA ALA B 260 4.43 -5.40 35.50
CA LEU B 261 4.98 -3.13 32.49
CA ALA B 262 4.16 0.10 34.37
CA GLY B 263 6.70 2.35 32.64
CA ILE B 264 7.39 0.59 29.36
CA SER B 265 5.45 2.67 26.82
CA PRO B 266 4.76 1.62 23.18
CA MET B 267 6.55 3.43 20.35
CA PHE B 268 3.39 5.08 19.09
CA GLN B 269 1.14 6.55 21.78
CA PRO B 270 -2.28 8.28 21.42
CA CYS B 271 -2.40 12.06 21.74
CA VAL B 272 -3.90 13.95 24.69
CA VAL B 273 -4.60 16.99 22.49
CA PRO B 274 -6.20 17.20 19.01
CA PRO B 275 -3.79 15.63 16.46
CA LYS B 276 -2.11 17.93 13.92
CA PRO B 277 -4.04 18.06 10.61
CA TRP B 278 -2.33 16.74 7.48
CA THR B 279 -1.19 18.95 4.61
CA GLY B 280 1.55 16.93 2.99
CA ILE B 281 2.81 13.41 2.37
CA THR B 282 4.62 13.37 5.73
CA GLY B 283 4.57 15.13 9.08
CA GLY B 284 0.95 15.18 10.17
CA GLY B 285 -0.47 13.73 13.35
CA TYR B 286 2.07 14.01 16.12
CA TRP B 287 3.03 17.45 17.40
CA ALA B 288 6.65 16.98 18.48
CA ASN B 289 9.18 18.46 16.05
CA GLY B 290 11.81 16.43 17.86
CA ARG B 291 10.69 13.04 16.59
CA ARG B 292 10.30 10.97 13.44
CA PRO B 293 7.33 12.43 11.53
CA LEU B 294 4.73 9.85 10.44
CA ALA B 295 3.84 9.40 6.78
CA LEU B 296 0.57 9.67 4.90
CA VAL B 297 0.36 6.29 3.10
CA ARG B 298 2.50 3.27 4.08
CA THR B 299 4.74 2.76 1.04
CA HIS B 300 7.37 -0.02 0.96
CA SER B 301 9.87 2.29 -0.74
CA LYS B 302 10.42 6.07 -0.41
CA LYS B 303 10.10 6.21 -4.24
CA ALA B 304 6.47 5.11 -3.90
CA LEU B 305 5.80 7.75 -1.25
CA MET B 306 6.91 10.82 -3.22
CA ARG B 307 4.38 9.77 -5.87
CA TYR B 308 1.63 11.09 -3.56
CA GLU B 309 3.50 14.40 -3.15
CA ASP B 310 1.69 17.33 -4.79
CA VAL B 311 -1.11 15.02 -5.97
CA TYR B 312 -4.23 17.14 -5.54
CA MET B 313 -6.67 15.17 -3.39
CA PRO B 314 -8.56 17.41 -0.91
CA GLU B 315 -11.37 14.98 -0.28
CA VAL B 316 -8.87 12.26 0.72
CA TYR B 317 -6.57 14.51 2.79
CA LYS B 318 -9.73 15.79 4.49
CA ALA B 319 -11.45 12.46 5.21
CA ILE B 320 -8.66 10.77 7.17
CA ASN B 321 -8.27 14.16 8.86
CA ILE B 322 -11.91 14.25 10.00
CA ALA B 323 -11.63 10.64 11.16
CA GLN B 324 -8.45 11.73 12.94
CA ASN B 325 -10.31 14.11 15.27
CA THR B 326 -13.05 11.92 16.82
CA ALA B 327 -12.32 11.88 20.58
CA TRP B 328 -12.16 8.71 22.70
CA LYS B 329 -11.76 8.32 26.48
CA ILE B 330 -11.38 4.71 27.76
CA ASN B 331 -14.47 2.95 29.16
CA LYS B 332 -13.41 3.07 32.83
CA LYS B 333 -16.30 0.70 33.54
CA VAL B 334 -14.53 -2.01 31.53
CA LEU B 335 -11.28 -1.53 33.46
CA ALA B 336 -12.04 -2.59 37.03
CA VAL B 337 -13.57 -5.65 35.32
CA ALA B 338 -10.51 -6.18 33.13
CA ASN B 339 -7.75 -5.48 35.64
CA VAL B 340 -9.45 -7.88 38.02
CA ILE B 341 -10.86 -10.51 35.65
CA THR B 342 -7.72 -11.10 33.55
CA LYS B 343 -5.09 -11.69 36.25
CA TRP B 344 -6.78 -14.44 38.29
CA LYS B 345 -7.34 -17.84 36.65
CA VAL B 349 -10.39 -14.88 33.23
CA GLU B 350 -13.80 -16.45 32.55
CA ASP B 351 -13.21 -15.12 29.04
CA ILE B 352 -10.78 -16.84 26.64
CA PRO B 353 -8.15 -14.11 27.14
CA ALA B 354 -4.39 -14.63 26.83
CA ILE B 355 -3.01 -14.59 30.42
CA GLU B 356 -3.23 -18.27 31.31
CA ARG B 357 -1.16 -17.55 34.46
CA GLU B 358 0.28 -21.09 34.69
CA GLU B 359 2.32 -22.35 31.69
CA LEU B 360 1.43 -25.63 29.93
CA PRO B 361 4.05 -28.17 31.07
CA MET B 362 5.84 -30.52 28.66
CA LYS B 363 4.18 -33.97 28.64
CA PRO B 364 5.55 -36.55 31.10
CA GLU B 365 8.32 -38.40 29.20
CA ASP B 366 7.74 -42.17 29.04
CA ILE B 367 10.42 -44.84 29.74
CA ASP B 368 10.68 -46.11 26.09
CA MET B 369 13.18 -44.47 23.69
CA ASN B 370 12.78 -45.92 20.17
CA PRO B 371 9.15 -46.77 19.31
CA GLU B 372 6.68 -44.41 17.63
CA ALA B 373 6.35 -43.09 21.18
CA LEU B 374 9.04 -40.73 19.89
CA THR B 375 7.16 -39.14 16.99
CA ALA B 376 4.21 -39.08 19.40
CA TRP B 377 6.10 -37.23 22.14
CA LYS B 378 7.61 -35.14 19.34
CA ARG B 379 4.26 -33.57 18.54
CA ALA B 380 3.14 -33.71 22.17
CA ALA B 381 6.03 -31.41 23.12
CA ALA B 382 5.97 -29.50 19.83
CA ALA B 383 2.48 -28.05 20.26
CA VAL B 384 2.79 -27.46 24.02
CA TYR B 385 5.96 -25.49 23.30
CA ARG B 386 4.41 -23.53 20.40
CA LYS B 387 1.43 -22.70 22.66
CA ASP B 388 3.21 -20.68 25.34
CA LYS B 389 5.51 -19.69 22.45
CA ALA B 390 2.51 -18.04 20.80
CA ARG B 391 0.89 -17.19 24.16
CA LYS B 392 3.63 -15.37 26.08
CA SER B 393 2.75 -12.58 23.70
CA ARG B 394 -1.01 -12.84 24.26
CA ARG B 395 0.01 -11.72 27.76
CA ILE B 396 2.81 -9.32 26.83
CA SER B 397 0.38 -7.42 24.60
CA LEU B 398 -2.77 -8.05 26.65
CA GLU B 399 -1.02 -6.11 29.41
CA PHE B 400 0.57 -3.42 27.24
CA MET B 401 -2.98 -2.71 26.02
CA LEU B 402 -4.32 -2.76 29.60
CA GLU B 403 -1.55 -0.87 31.37
CA GLN B 404 -2.01 1.67 28.60
CA ALA B 405 -5.58 2.89 29.35
CA ASN B 406 -4.92 3.00 33.06
CA LYS B 407 -2.16 5.43 32.00
CA PHE B 408 -4.43 7.67 29.92
CA ALA B 409 -7.53 6.65 31.89
CA ASN B 410 -8.69 9.65 33.91
CA HIS B 411 -7.75 11.75 30.88
CA LYS B 412 -10.63 13.87 29.51
CA ALA B 413 -10.32 12.54 25.92
CA ILE B 414 -7.83 10.72 23.63
CA TRP B 415 -7.04 11.25 19.96
CA PHE B 416 -5.67 8.39 17.90
CA PRO B 417 -3.78 9.73 14.86
CA TYR B 418 -4.29 8.07 11.45
CA ASN B 419 -2.64 7.12 8.10
CA MET B 420 -3.39 4.73 5.19
CA ASP B 421 -1.62 1.89 3.34
CA TRP B 422 -0.54 2.26 -0.26
CA ARG B 423 -3.95 0.96 -1.27
CA GLY B 424 -6.23 3.34 0.65
CA ARG B 425 -7.61 1.67 3.86
CA VAL B 426 -7.22 3.92 6.92
CA TYR B 427 -5.24 2.76 9.97
CA ALA B 428 -5.00 4.28 13.45
CA VAL B 429 -1.41 5.00 14.51
CA SER B 430 -0.78 3.56 17.99
CA MET B 431 -0.53 0.26 19.91
CA PHE B 432 -3.69 0.96 21.86
CA ASN B 433 -6.26 1.92 19.24
CA PRO B 434 -10.00 1.26 18.54
CA GLN B 435 -9.02 -1.21 15.81
CA GLY B 436 -7.19 -3.71 17.99
CA ASN B 437 -8.54 -6.98 19.31
CA ASP B 438 -11.51 -7.14 21.68
CA MET B 439 -10.40 -5.93 25.13
CA THR B 440 -8.31 -3.25 23.39
CA LYS B 441 -11.59 -2.00 21.91
CA GLY B 442 -13.91 -2.76 24.80
CA LEU B 443 -11.75 -0.54 27.00
CA LEU B 444 -12.52 2.38 24.68
CA THR B 445 -15.57 4.61 24.06
CA LEU B 446 -16.23 7.98 22.45
CA ALA B 447 -16.12 11.21 24.49
CA LYS B 448 -18.77 13.36 22.77
CA GLY B 449 -22.10 11.62 23.37
CA LYS B 450 -25.72 12.60 22.80
CA PRO B 451 -28.90 11.55 24.71
CA ILE B 452 -29.96 8.10 23.50
CA GLY B 453 -33.04 8.48 21.34
CA LYS B 454 -35.84 5.98 20.91
CA GLU B 455 -34.16 4.71 17.78
CA GLY B 456 -30.70 5.23 19.25
CA TYR B 457 -31.64 2.71 21.93
CA TYR B 458 -32.97 0.42 19.19
CA TRP B 459 -29.47 0.35 17.74
CA LEU B 460 -27.67 -0.32 21.04
CA LYS B 461 -30.10 -3.22 21.23
CA ILE B 462 -28.79 -4.63 17.95
CA HIS B 463 -25.24 -3.81 19.03
CA GLY B 464 -25.42 -6.07 22.06
CA ALA B 465 -27.44 -8.51 19.97
CA ASN B 466 -24.60 -8.49 17.42
CA CYS B 467 -21.86 -9.15 20.01
CA ALA B 468 -23.49 -12.35 21.27
CA GLY B 469 -26.02 -13.85 18.86
CA VAL B 470 -27.50 -11.77 16.02
CA ASP B 471 -25.52 -11.57 12.73
CA LYS B 472 -27.71 -14.38 11.29
CA VAL B 473 -31.39 -13.74 12.17
CA PRO B 474 -33.33 -10.66 11.06
CA PHE B 475 -33.55 -7.34 12.90
CA PRO B 476 -36.79 -8.18 14.80
CA GLU B 477 -35.30 -11.45 16.08
CA ARG B 478 -32.07 -9.64 16.91
CA ILE B 479 -33.94 -7.24 19.21
CA LYS B 480 -35.56 -10.25 20.91
CA PHE B 481 -32.21 -11.51 22.25
CA ILE B 482 -31.46 -8.48 24.47
CA GLU B 483 -35.14 -8.19 25.52
CA GLU B 484 -35.36 -11.94 26.20
CA ASN B 485 -32.26 -11.50 28.35
CA HIS B 486 -33.22 -8.22 30.03
CA GLU B 487 -32.72 -9.53 33.57
CA ASN B 488 -29.58 -11.35 32.39
CA ILE B 489 -28.00 -8.24 30.85
CA MET B 490 -28.90 -6.45 34.09
CA ALA B 491 -27.45 -9.32 36.10
CA CYS B 492 -24.18 -9.57 34.15
CA ALA B 493 -23.63 -5.82 34.57
CA LYS B 494 -24.11 -5.13 38.31
CA THR B 500 -20.37 -13.37 34.01
CA TRP B 501 -22.80 -14.12 31.16
CA TRP B 502 -20.87 -11.61 29.08
CA ALA B 503 -17.55 -13.50 29.06
CA GLU B 504 -19.40 -16.50 27.65
CA GLN B 505 -20.60 -14.34 24.75
CA ASP B 506 -18.78 -13.96 21.28
CA SER B 507 -17.38 -10.25 21.07
CA PRO B 508 -16.74 -10.71 24.66
CA PHE B 509 -15.74 -7.37 26.02
CA CYS B 510 -18.23 -5.20 24.10
CA PHE B 511 -21.14 -7.15 25.34
CA LEU B 512 -19.96 -6.10 28.97
CA ALA B 513 -19.32 -2.58 27.64
CA PHE B 514 -22.74 -2.65 25.99
CA CYS B 515 -24.38 -4.10 29.11
CA PHE B 516 -23.26 -1.08 31.12
CA GLU B 517 -25.11 1.01 28.55
CA TYR B 518 -28.23 -1.14 28.56
CA ALA B 519 -28.48 -0.86 32.36
CA GLY B 520 -27.99 2.86 31.74
CA VAL B 521 -30.80 3.67 29.31
CA GLN B 522 -32.93 1.82 31.83
CA HIS B 523 -31.85 3.85 34.83
CA HIS B 524 -31.60 7.30 33.24
CA GLY B 525 -34.22 7.03 30.48
CA LEU B 526 -34.03 7.96 26.79
CA SER B 527 -31.96 10.97 27.71
CA TYR B 528 -28.97 9.16 29.24
CA ASN B 529 -26.29 10.63 26.88
CA CYS B 530 -24.57 7.30 26.08
CA SER B 531 -21.58 7.37 23.69
CA LEU B 532 -21.03 3.63 23.00
CA PRO B 533 -20.12 3.41 19.28
CA LEU B 534 -22.33 0.90 17.49
CA ALA B 535 -19.88 -0.84 15.14
CA PHE B 536 -21.83 -1.79 12.03
CA ASP B 537 -19.73 -4.37 10.19
CA GLY B 538 -20.03 -5.11 6.47
CA SER B 539 -20.68 -8.43 4.67
CA CYS B 540 -18.26 -9.89 2.11
CA SER B 541 -17.27 -6.32 1.21
CA GLY B 542 -15.52 -7.54 -1.93
CA ILE B 543 -18.22 -9.41 -3.77
CA GLN B 544 -20.54 -6.42 -3.23
CA HIS B 545 -18.15 -3.73 -4.54
CA PHE B 546 -17.74 -6.03 -7.54
CA SER B 547 -21.37 -7.17 -7.86
CA ALA B 548 -22.30 -3.48 -7.69
CA MET B 549 -19.92 -1.61 -9.97
CA LEU B 550 -21.42 -3.84 -12.57
CA ARG B 551 -25.28 -4.43 -11.77
CA ASP B 552 -25.51 -8.17 -10.70
CA GLU B 553 -28.84 -8.57 -9.00
CA VAL B 554 -28.14 -12.25 -8.35
CA GLY B 555 -24.50 -12.07 -6.92
CA GLY B 556 -25.24 -8.71 -5.03
CA ARG B 557 -28.48 -9.87 -3.33
CA ALA B 558 -26.67 -12.88 -1.88
CA VAL B 559 -23.96 -10.46 -0.72
CA ASN B 560 -26.78 -8.45 1.05
CA LEU B 561 -27.50 -5.43 -1.07
CA LEU B 562 -31.26 -5.74 -1.84
CA PRO B 563 -34.46 -5.54 0.31
CA SER B 564 -34.88 -7.10 3.78
CA GLU B 565 -36.42 -10.68 4.57
CA THR B 566 -33.53 -12.88 5.72
CA VAL B 567 -29.79 -12.25 6.17
CA GLN B 568 -28.94 -14.58 3.28
CA ASP B 569 -25.54 -16.27 3.60
CA ILE B 570 -23.56 -16.80 0.37
CA TYR B 571 -21.62 -19.75 1.81
CA GLY B 572 -24.87 -21.57 2.40
CA ILE B 573 -26.06 -20.60 -1.11
CA VAL B 574 -22.87 -21.77 -2.88
CA ALA B 575 -23.05 -25.07 -0.99
CA LYS B 576 -26.63 -25.78 -2.17
CA LYS B 577 -25.81 -24.38 -5.62
CA VAL B 578 -22.82 -26.66 -6.27
CA ASN B 579 -24.49 -29.57 -4.42
CA GLU B 580 -27.29 -29.47 -6.98
CA ILE B 581 -24.61 -29.28 -9.70
CA LEU B 582 -22.93 -32.24 -7.92
CA GLN B 583 -25.90 -34.66 -7.84
CA ALA B 584 -25.53 -34.71 -11.67
CA ASP B 585 -27.70 -37.77 -12.34
CA ALA B 586 -27.96 -39.86 -9.17
CA LEU B 611 -19.43 -38.80 -11.63
CA GLY B 612 -17.74 -42.06 -10.64
CA THR B 613 -16.97 -41.23 -7.00
CA LYS B 614 -19.90 -38.79 -6.99
CA ALA B 615 -21.43 -40.64 -4.08
CA LEU B 616 -17.98 -40.15 -2.54
CA ALA B 617 -18.69 -36.40 -2.67
CA GLY B 618 -20.85 -37.14 0.39
CA GLN B 619 -17.53 -36.48 2.30
CA TRP B 620 -19.34 -33.31 3.56
CA LEU B 621 -21.15 -31.73 0.57
CA ALA B 622 -22.13 -28.86 2.99
CA TYR B 623 -20.79 -25.26 3.33
CA GLY B 624 -17.45 -25.99 5.12
CA VAL B 625 -16.48 -28.29 2.18
CA THR B 626 -17.00 -25.31 -0.21
CA ARG B 627 -16.62 -22.26 2.12
CA SER B 628 -12.94 -21.17 2.48
CA VAL B 629 -12.46 -21.82 -1.25
CA THR B 630 -15.58 -19.81 -2.28
CA LYS B 631 -14.24 -16.39 -1.16
CA ARG B 632 -10.80 -14.87 -0.43
CA SER B 633 -9.46 -18.14 -1.86
CA VAL B 634 -8.70 -17.44 -5.53
CA MET B 635 -5.86 -14.95 -5.13
CA PHE B 646 -9.66 -20.81 -12.58
CA ARG B 647 -7.01 -23.47 -11.64
CA GLN B 648 -6.93 -24.00 -7.83
CA GLN B 649 -5.86 -22.69 -4.38
CA VAL B 650 -3.09 -24.06 -2.09
CA LEU B 651 -4.59 -23.11 1.32
CA GLU B 652 -8.17 -23.62 0.10
CA ASP B 653 -7.97 -26.92 -1.86
CA THR B 654 -6.21 -29.43 0.44
CA ILE B 655 -7.52 -29.68 4.08
CA GLN B 656 -10.95 -31.29 3.11
CA PRO B 657 -10.21 -34.95 2.20
CA ALA B 658 -6.80 -34.42 3.85
CA ILE B 659 -8.74 -34.90 7.09
CA ASP B 660 -12.00 -36.26 5.63
CA SER B 661 -10.28 -39.60 5.02
CA GLY B 662 -9.94 -40.32 8.73
CA LYS B 663 -13.62 -39.21 8.99
CA GLY B 664 -15.60 -40.65 6.03
CA LEU B 665 -14.27 -43.89 4.49
CA MET B 666 -14.31 -43.72 0.66
CA PHE B 667 -11.46 -43.63 -1.90
CA THR B 668 -9.72 -41.78 -4.81
CA GLN B 669 -8.12 -39.43 -2.18
CA PRO B 670 -5.98 -36.92 -4.12
CA ASN B 671 -7.48 -36.71 -7.64
CA GLN B 672 -11.33 -36.94 -7.78
CA ALA B 673 -12.31 -35.27 -4.49
CA ALA B 674 -9.66 -32.56 -4.85
CA GLY B 675 -9.34 -31.52 -8.46
CA TYR B 676 -12.90 -32.31 -9.54
CA MET B 677 -14.56 -30.73 -6.50
CA ALA B 678 -12.16 -27.84 -6.97
CA LYS B 679 -13.63 -27.39 -10.47
CA LEU B 680 -17.31 -27.36 -9.45
CA ILE B 681 -16.13 -25.25 -6.50
CA TRP B 682 -15.65 -22.65 -9.21
CA GLU B 683 -18.56 -23.64 -11.46
CA SER B 684 -20.83 -22.77 -8.57
CA VAL B 685 -18.97 -19.56 -7.72
CA SER B 686 -18.94 -18.46 -11.39
CA VAL B 687 -22.77 -18.78 -11.53
CA THR B 688 -23.34 -17.17 -8.10
CA VAL B 689 -21.20 -14.02 -8.24
CA VAL B 690 -20.68 -13.67 -12.01
CA ALA B 691 -19.52 -10.10 -11.33
CA ALA B 692 -16.77 -11.11 -8.96
CA VAL B 693 -15.52 -13.71 -11.46
CA GLU B 694 -15.95 -11.14 -14.26
CA ALA B 695 -14.28 -8.12 -12.64
CA MET B 696 -11.61 -10.26 -10.94
CA ASN B 697 -10.76 -11.76 -14.35
CA TRP B 698 -10.66 -8.36 -16.09
CA LEU B 699 -8.35 -6.62 -13.60
CA LYS B 700 -5.92 -9.55 -13.93
CA SER B 701 -5.50 -9.29 -17.69
CA ALA B 702 -5.13 -5.52 -17.24
CA ALA B 703 -2.51 -6.12 -14.55
CA LYS B 704 -0.71 -8.71 -16.71
CA LEU B 705 -0.46 -6.84 -20.04
CA LEU B 706 0.57 -3.67 -18.14
CA ALA B 707 3.22 -5.70 -16.25
CA ALA B 708 4.44 -7.82 -19.17
CA LYS B 721 7.60 -7.44 -15.79
CA ARG B 722 7.66 -4.16 -16.92
CA CYS B 723 5.02 -1.70 -15.63
CA ALA B 724 2.96 -1.14 -12.49
CA VAL B 725 -0.83 -1.09 -12.35
CA HIS B 726 -2.14 2.44 -11.64
CA TRP B 727 -5.72 3.29 -10.75
CA VAL B 728 -7.51 6.02 -8.76
CA THR B 729 -10.08 5.63 -5.99
CA PRO B 730 -13.26 7.80 -6.17
CA ASP B 731 -11.85 10.12 -3.44
CA GLY B 732 -9.11 11.10 -5.85
CA PHE B 733 -6.52 9.05 -4.01
CA PRO B 734 -4.23 7.48 -6.62
CA VAL B 735 -2.89 3.93 -6.21
CA TRP B 736 0.32 2.46 -7.65
CA GLN B 737 0.52 -1.31 -7.22
CA GLU B 738 4.15 -2.13 -7.94
CA TYR B 739 4.99 -5.61 -6.65
CA LYS B 740 8.61 -6.72 -6.93
CA LYS B 741 11.00 -9.63 -6.73
CA PRO B 742 13.32 -8.72 -3.82
CA ILE B 743 17.11 -8.85 -3.54
CA GLN B 744 18.28 -10.92 -0.55
CA THR B 745 21.72 -11.04 1.08
CA ARG B 746 22.53 -13.54 3.81
CA LEU B 747 24.72 -11.89 6.44
CA ASN B 748 26.74 -13.21 9.40
CA LEU B 749 25.99 -12.49 13.08
CA MET B 750 28.83 -13.00 15.59
CA PHE B 755 26.80 -18.58 18.40
CA ARG B 756 27.06 -17.60 14.94
CA LEU B 757 23.71 -17.01 13.20
CA GLN B 758 23.24 -16.01 9.56
CA PRO B 759 19.61 -15.24 8.48
CA THR B 760 18.56 -14.25 4.95
CA ILE B 761 17.68 -10.56 4.97
CA ASN B 762 15.66 -8.66 2.37
CA THR B 763 17.77 -5.59 1.31
CA ASN B 764 16.59 -2.47 -0.57
CA LYS B 765 13.86 -4.36 -2.45
CA ASP B 766 14.56 -2.93 -5.91
CA SER B 767 15.25 -5.24 -8.86
CA GLU B 768 12.35 -6.11 -11.17
CA ILE B 769 8.55 -6.24 -10.99
CA ASP B 770 7.16 -9.49 -9.60
CA ALA B 771 4.99 -9.93 -12.71
CA HIS B 772 3.26 -12.85 -11.01
CA LYS B 773 2.45 -11.25 -7.67
CA GLN B 774 0.60 -8.43 -9.40
CA GLU B 775 -1.67 -10.78 -11.35
CA SER B 776 -2.88 -12.42 -8.14
CA GLY B 777 -2.86 -9.24 -6.11
CA ILE B 778 -4.80 -7.10 -8.58
CA ALA B 779 -8.39 -7.96 -7.67
CA PRO B 780 -8.08 -8.17 -3.86
CA ASN B 781 -5.73 -5.16 -3.99
CA PHE B 782 -8.35 -3.31 -6.04
CA VAL B 783 -11.56 -3.72 -4.01
CA HIS B 784 -9.50 -2.85 -0.93
CA SER B 785 -8.69 0.51 -2.45
CA GLN B 786 -12.39 0.96 -3.35
CA ASP B 787 -13.87 0.04 0.04
CA GLY B 788 -11.18 2.24 1.54
CA SER B 789 -12.50 5.10 -0.57
CA HIS B 790 -16.13 4.38 0.28
CA LEU B 791 -15.11 4.83 3.92
CA ARG B 792 -13.21 8.06 3.32
CA LYS B 793 -16.41 9.40 1.77
CA THR B 794 -18.82 8.23 4.47
CA VAL B 795 -16.64 9.90 7.11
CA VAL B 796 -16.80 13.25 5.28
CA TRP B 797 -20.41 12.96 4.11
CA ALA B 798 -22.01 11.70 7.33
CA HIS B 799 -20.25 14.72 8.83
CA GLU B 800 -20.80 17.43 6.21
CA LYS B 801 -24.43 16.36 5.85
CA TYR B 802 -25.95 14.83 9.01
CA GLY B 803 -23.40 16.68 11.10
CA ILE B 804 -22.05 13.62 12.92
CA GLU B 805 -18.66 14.29 14.53
CA SER B 806 -17.60 11.03 16.22
CA PHE B 807 -16.67 8.00 14.11
CA ALA B 808 -15.28 4.53 15.02
CA LEU B 809 -13.26 3.45 11.98
CA ILE B 810 -12.22 -0.15 11.34
CA HIS B 811 -11.98 0.19 7.53
CA ASP B 812 -15.00 -2.12 7.06
CA SER B 813 -17.14 -1.34 10.08
CA PHE B 814 -18.36 2.24 10.54
CA GLY B 815 -19.87 3.60 13.72
CA THR B 816 -20.93 6.65 15.68
CA ILE B 817 -22.72 7.38 18.95
CA PRO B 818 -26.25 5.90 19.28
CA ALA B 819 -27.67 9.33 18.48
CA ASP B 820 -26.33 9.54 14.92
CA ALA B 821 -26.53 5.76 14.51
CA ALA B 822 -29.62 6.09 12.32
CA ASN B 823 -28.02 8.89 10.27
CA LEU B 824 -24.69 7.12 9.66
CA PHE B 825 -26.40 3.92 8.44
CA LYS B 826 -28.12 6.18 5.94
CA ALA B 827 -24.97 7.98 4.70
CA VAL B 828 -23.20 4.65 4.09
CA ARG B 829 -25.87 3.85 1.47
CA GLU B 830 -25.90 7.33 -0.08
CA THR B 831 -22.18 7.38 -0.82
CA MET B 832 -22.20 3.72 -1.93
CA VAL B 833 -24.95 4.48 -4.48
CA ASP B 834 -23.53 7.89 -5.51
CA THR B 835 -20.10 6.34 -6.19
CA TYR B 836 -21.00 3.57 -8.65
CA GLU B 837 -23.84 5.66 -10.12
CA SER B 838 -21.34 8.25 -11.43
CA CYS B 839 -18.28 6.03 -11.89
CA ASP B 840 -17.49 3.28 -14.37
CA VAL B 841 -14.63 1.86 -12.19
CA LEU B 842 -13.24 -0.77 -14.62
CA ALA B 843 -13.74 1.28 -17.79
CA ASP B 844 -12.38 4.30 -15.91
CA PHE B 845 -9.34 2.14 -15.08
CA TYR B 846 -9.12 1.00 -18.70
CA ASP B 847 -8.57 4.69 -19.50
CA GLN B 848 -5.22 4.42 -17.71
CA PHE B 849 -2.91 1.51 -18.63
CA ALA B 850 -4.32 1.18 -22.17
CA ASP B 851 -1.91 3.97 -23.15
CA GLN B 852 1.03 2.23 -21.41
CA LEU B 853 0.42 -1.18 -23.14
CA HIS B 854 2.38 0.23 -26.10
CA GLU B 855 3.69 -3.16 -27.17
CA SER B 856 1.91 -5.28 -29.80
CA GLN B 857 -0.25 -6.27 -26.79
CA LEU B 858 -2.86 -3.80 -28.17
CA ASP B 859 -4.95 -6.89 -28.99
CA LYS B 860 -4.91 -8.83 -25.72
CA MET B 861 -7.03 -7.34 -22.81
CA PRO B 862 -10.58 -8.80 -22.95
CA ALA B 863 -13.70 -6.65 -23.45
CA LEU B 864 -15.02 -4.84 -20.36
CA PRO B 865 -17.68 -6.89 -18.47
CA ALA B 866 -21.34 -6.34 -19.36
CA LYS B 867 -23.04 -4.32 -16.59
CA GLY B 868 -25.87 -6.24 -14.96
CA ASN B 869 -29.58 -5.33 -14.92
CA LEU B 870 -29.36 -4.19 -11.25
CA ASN B 871 -30.24 -0.57 -10.44
CA LEU B 872 -28.24 0.95 -7.57
CA ARG B 873 -31.15 3.07 -6.25
CA ASP B 874 -32.07 0.09 -3.99
CA ILE B 875 -28.93 -0.19 -1.82
CA LEU B 876 -30.31 2.89 -0.05
CA GLU B 877 -33.02 0.66 1.33
CA SER B 878 -31.16 -2.64 1.70
CA ASP B 879 -30.99 -2.67 5.48
CA PHE B 880 -28.97 -5.89 5.70
CA ALA B 881 -26.34 -4.72 3.16
CA PHE B 882 -24.45 -2.65 5.72
CA ALA B 883 -25.93 -3.87 9.02
CA ALA C 7 25.69 -38.84 23.11
CA LYS C 8 25.92 -42.64 23.50
CA ASN C 9 28.31 -44.36 25.97
CA ASP C 10 25.44 -45.02 28.43
CA PHE C 11 23.08 -47.12 26.29
CA SER C 12 23.98 -50.84 26.60
CA ASP C 13 25.40 -52.84 23.70
CA ILE C 14 22.05 -54.63 23.53
CA GLU C 15 19.44 -51.95 22.73
CA LEU C 16 22.07 -49.71 21.11
CA ALA C 17 21.98 -52.36 18.38
CA ALA C 18 18.18 -52.33 18.01
CA ILE C 19 17.66 -48.55 18.01
CA PRO C 20 19.09 -47.90 14.51
CA PHE C 21 17.14 -50.82 13.01
CA ASN C 22 13.97 -49.61 14.70
CA THR C 23 14.04 -45.89 13.83
CA LEU C 24 14.74 -46.94 10.24
CA ALA C 25 12.31 -49.81 9.64
CA ASP C 26 9.71 -47.26 10.71
CA HIS C 27 10.78 -44.55 8.31
CA TYR C 28 11.44 -47.00 5.43
CA GLY C 29 9.92 -50.38 6.26
CA GLU C 30 11.32 -53.38 8.15
CA ARG C 31 12.32 -54.91 4.78
CA LEU C 32 14.76 -52.26 3.49
CA ALA C 33 16.01 -51.65 7.01
CA ARG C 34 17.88 -54.96 7.08
CA GLU C 35 19.29 -54.55 3.58
CA GLN C 36 20.78 -51.18 4.56
CA LEU C 37 22.33 -52.49 7.77
CA ALA C 38 23.41 -55.72 6.00
CA LEU C 39 24.77 -53.68 3.05
CA GLU C 40 26.82 -51.87 5.67
CA HIS C 41 28.10 -54.89 7.59
CA GLU C 42 29.85 -56.34 4.50
CA SER C 43 32.80 -54.14 5.48
CA TYR C 44 33.71 -56.10 8.62
CA GLU C 45 32.60 -59.61 7.54
CA MET C 46 30.97 -61.27 4.56
CA GLY C 47 27.54 -62.53 5.60
CA GLU C 48 27.48 -66.28 5.18
CA ALA C 49 23.90 -65.90 3.94
CA ARG C 50 24.93 -64.18 0.68
CA PHE C 51 27.96 -66.48 0.58
CA ARG C 52 26.00 -69.75 0.25
CA LYS C 53 24.74 -68.34 -3.09
CA MET C 54 27.83 -66.31 -3.96
CA PHE C 55 29.56 -69.68 -4.29
CA GLU C 56 27.79 -70.22 -7.63
CA LYS C 71 34.40 -68.81 -10.56
CA PRO C 72 34.62 -65.58 -8.48
CA LEU C 73 37.86 -65.31 -6.51
CA ILE C 74 36.04 -64.70 -3.21
CA THR C 75 34.61 -68.23 -3.33
CA THR C 76 38.15 -69.69 -3.24
CA LEU C 77 40.10 -66.99 -1.36
CA LEU C 78 37.83 -66.88 1.70
CA PRO C 79 37.57 -70.50 2.95
CA LYS C 80 41.40 -70.68 2.88
CA MET C 81 42.27 -67.49 4.76
CA ILE C 82 39.81 -68.48 7.51
CA ALA C 83 41.24 -71.96 8.09
CA ARG C 84 44.78 -70.61 8.33
CA ILE C 85 43.58 -68.21 11.04
CA ASN C 86 42.02 -71.02 13.10
CA ASP C 87 45.12 -73.10 12.37
CA TRP C 88 47.13 -70.36 14.06
CA PHE C 89 45.12 -69.73 17.20
CA GLU C 90 46.02 -73.30 18.15
CA GLU C 91 49.76 -73.03 17.40
CA VAL C 92 50.11 -69.85 19.44
CA LYS C 93 47.95 -71.47 22.10
CA ALA C 94 50.01 -74.66 22.20
CA LYS C 95 53.35 -73.13 23.35
CA ARG C 96 52.75 -72.09 27.03
CA GLY C 97 52.93 -68.30 27.27
CA LYS C 98 55.31 -66.29 25.02
CA ARG C 99 52.35 -65.03 22.91
CA PRO C 100 52.97 -62.72 19.87
CA THR C 101 51.86 -59.07 20.06
CA ALA C 102 50.17 -59.70 16.72
CA PHE C 103 48.15 -62.51 18.33
CA GLN C 104 47.39 -60.57 21.51
CA PHE C 105 45.15 -58.36 19.39
CA LEU C 106 43.93 -60.87 16.77
CA GLN C 107 42.60 -63.36 19.35
CA GLU C 108 39.13 -62.25 20.54
CA ILE C 109 38.44 -61.05 16.99
CA LYS C 110 36.30 -63.29 14.78
CA PRO C 111 38.18 -65.44 12.21
CA GLU C 112 35.61 -64.73 9.46
CA ALA C 113 36.01 -61.00 10.04
CA VAL C 114 39.80 -61.22 9.81
CA ALA C 115 39.52 -63.48 6.78
CA TYR C 116 37.20 -61.07 4.96
CA ILE C 117 38.77 -57.79 6.11
CA THR C 118 42.27 -58.72 4.88
CA ILE C 119 41.10 -60.07 1.47
CA LYS C 120 39.03 -56.88 0.85
CA THR C 121 41.56 -54.33 2.22
CA THR C 122 44.85 -55.60 0.69
CA LEU C 123 43.02 -55.88 -2.60
CA ALA C 124 41.68 -52.36 -2.26
CA CYS C 125 45.09 -50.85 -1.35
CA LEU C 126 46.63 -52.28 -4.54
CA THR C 127 44.62 -49.73 -6.54
CA SER C 128 46.54 -46.77 -5.09
CA ALA C 129 49.91 -46.31 -6.74
CA ASP C 130 50.49 -44.17 -3.60
CA ASN C 131 49.81 -46.83 -0.97
CA THR C 132 50.86 -50.45 -1.60
CA THR C 133 53.93 -50.70 0.65
CA VAL C 134 54.05 -53.20 3.54
CA GLN C 135 53.39 -50.52 6.16
CA ALA C 136 50.63 -49.04 4.02
CA VAL C 137 48.65 -52.22 3.35
CA ALA C 138 49.28 -53.23 6.98
CA SER C 139 47.88 -49.99 8.44
CA ALA C 140 44.79 -50.27 6.24
CA ILE C 141 44.15 -53.79 7.60
CA GLY C 142 45.12 -52.77 11.11
CA ARG C 143 42.51 -50.03 11.28
CA ALA C 144 39.85 -52.11 9.54
CA ILE C 145 40.48 -54.81 12.16
CA GLU C 146 40.70 -52.15 14.92
CA ASP C 147 37.17 -51.05 14.07
CA GLU C 148 36.10 -54.71 14.03
CA ALA C 149 37.41 -55.05 17.57
CA ARG C 150 35.85 -51.75 18.67
CA PHE C 151 32.34 -52.31 17.34
CA GLY C 152 31.64 -56.00 17.02
CA ARG C 153 29.85 -57.18 20.12
CA ILE C 154 27.10 -54.93 18.78
CA ARG C 155 27.59 -55.89 15.13
CA ASP C 156 26.86 -59.46 16.24
CA LEU C 157 23.66 -58.39 17.94
CA GLU C 158 22.63 -55.76 15.38
CA ALA C 159 23.07 -58.39 12.66
CA LYS C 160 20.96 -60.99 14.49
CA HIS C 161 18.25 -58.32 14.85
CA PHE C 162 17.44 -58.35 11.10
CA LYS C 163 16.32 -61.97 11.56
CA LYS C 180 7.37 -46.86 2.54
CA ALA C 181 6.70 -47.21 -1.21
CA PHE C 182 7.05 -44.80 -4.23
CA MET C 183 9.51 -42.21 -2.74
CA GLN C 184 11.96 -41.84 0.20
CA VAL C 185 13.40 -38.76 1.99
CA VAL C 186 15.85 -37.99 4.85
CA GLU C 187 15.03 -39.06 8.44
CA ALA C 188 15.16 -35.37 9.57
CA ASP C 189 17.67 -34.81 12.44
CA MET C 190 14.78 -33.84 14.82
CA LEU C 191 13.87 -37.57 14.99
CA SER C 192 17.21 -39.33 15.57
CA LYS C 193 17.33 -40.45 19.22
CA GLY C 194 20.36 -42.41 20.47
CA LEU C 195 22.04 -42.44 17.06
CA LEU C 196 23.94 -39.19 17.60
CA GLY C 197 27.72 -39.24 17.17
CA GLY C 198 30.17 -41.90 18.26
CA GLU C 199 33.85 -42.64 18.93
CA ALA C 200 35.57 -42.15 15.56
CA TRP C 201 39.29 -42.04 16.38
CA SER C 202 41.65 -45.04 16.51
CA SER C 203 43.11 -46.28 19.79
CA TRP C 204 45.84 -48.77 18.75
CA HIS C 205 49.38 -47.52 18.20
CA LYS C 206 50.50 -47.60 14.63
CA GLU C 207 53.28 -50.12 15.50
CA ASP C 208 50.62 -52.20 17.24
CA SER C 209 48.22 -51.89 14.30
CA ILE C 210 50.91 -52.70 11.73
CA HIS C 211 52.03 -55.79 13.65
CA VAL C 212 48.40 -56.93 13.46
CA GLY C 213 48.29 -56.05 9.78
CA VAL C 214 51.56 -57.77 8.87
CA ARG C 215 50.49 -60.99 10.61
CA CYS C 216 47.32 -60.70 8.52
CA ILE C 217 49.06 -60.05 5.22
CA GLU C 218 51.09 -63.16 6.00
CA MET C 219 48.20 -65.56 6.61
CA LEU C 220 46.88 -64.30 3.28
CA ILE C 221 50.09 -65.04 1.34
CA GLU C 222 50.53 -68.48 2.97
CA SER C 223 46.92 -69.48 2.23
CA THR C 224 46.56 -67.86 -1.18
CA GLY C 225 49.24 -66.65 -3.55
CA MET C 226 47.33 -63.37 -3.86
CA VAL C 227 49.55 -60.76 -2.27
CA SER C 228 53.30 -61.26 -2.57
CA LEU C 229 56.16 -59.29 -1.02
CA HIS C 230 58.73 -57.39 -3.11
CA ARG C 231 62.13 -56.41 -1.72
CA SER C 241 60.96 -55.28 1.42
CA GLU C 242 58.97 -52.10 0.75
CA THR C 243 56.01 -53.15 -1.44
CA ILE C 244 53.30 -55.75 -2.05
CA GLU C 245 52.02 -56.83 -5.46
CA LEU C 246 49.24 -58.92 -6.95
CA ALA C 247 50.55 -62.27 -8.14
CA PRO C 248 49.83 -62.67 -11.90
CA GLU C 249 48.45 -66.11 -10.98
CA TYR C 250 45.46 -63.95 -9.95
CA ALA C 251 46.21 -60.65 -11.75
CA GLU C 252 44.99 -62.29 -14.94
CA ALA C 253 41.72 -63.50 -13.39
CA ILE C 254 40.68 -60.00 -12.29
CA ALA C 255 41.59 -58.87 -15.82
CA THR C 256 40.15 -61.49 -18.17
CA ARG C 257 37.28 -63.02 -16.16
CA ALA C 258 33.80 -61.61 -15.63
CA GLY C 259 32.59 -61.98 -12.05
CA ALA C 260 36.19 -61.65 -10.87
CA LEU C 261 35.60 -59.52 -7.75
CA ALA C 262 31.93 -60.52 -7.37
CA GLY C 263 31.80 -60.64 -3.58
CA ILE C 264 34.70 -58.42 -2.51
CA SER C 265 32.98 -55.22 -1.39
CA PRO C 266 34.77 -51.89 -0.65
CA MET C 267 35.06 -50.66 2.93
CA PHE C 268 32.70 -47.76 2.39
CA GLN C 269 29.57 -48.57 0.40
CA PRO C 270 26.73 -46.21 -0.72
CA CYS C 271 23.44 -46.38 1.18
CA VAL C 272 20.20 -47.83 -0.18
CA VAL C 273 18.12 -45.63 2.14
CA PRO C 274 18.42 -41.87 2.90
CA PRO C 275 21.68 -41.28 4.85
CA LYS C 276 21.40 -40.21 8.50
CA PRO C 277 21.57 -36.42 8.91
CA TRP C 278 24.50 -34.93 10.84
CA THR C 279 24.16 -33.28 14.25
CA GLY C 280 27.62 -33.64 15.73
CA ILE C 281 31.31 -33.93 14.86
CA THR C 282 31.00 -37.70 14.41
CA GLY C 283 28.36 -40.35 13.72
CA GLY C 284 26.34 -39.07 10.82
CA GLY C 285 25.80 -40.78 7.51
CA TYR C 286 25.76 -44.52 8.00
CA TRP C 287 22.91 -46.09 9.95
CA ALA C 288 24.56 -49.12 11.57
CA ASN C 289 25.30 -48.66 15.28
CA GLY C 290 27.55 -51.71 15.00
CA ARG C 291 30.27 -50.04 12.95
CA ARG C 292 32.89 -47.30 13.07
CA PRO C 293 31.01 -43.99 12.85
CA LEU C 294 32.34 -41.59 10.19
CA ALA C 295 33.56 -38.12 11.14
CA LEU C 296 32.51 -34.64 10.03
CA VAL C 297 35.83 -33.11 8.85
CA ARG C 298 38.94 -35.20 8.10
CA THR C 299 41.42 -34.10 10.78
CA HIS C 300 44.91 -35.63 10.99
CA SER C 301 44.72 -35.74 14.80
CA LYS C 302 41.73 -36.30 17.14
CA LYS C 303 42.78 -33.03 18.88
CA ALA C 304 41.95 -31.15 15.67
CA LEU C 305 38.55 -32.85 15.43
CA MET C 306 37.19 -31.90 18.85
CA ARG C 307 37.83 -28.29 17.89
CA TYR C 308 34.72 -28.49 15.67
CA GLU C 309 32.69 -29.89 18.57
CA ASP C 310 30.02 -27.48 19.84
CA VAL C 311 31.06 -24.87 17.24
CA TYR C 312 27.77 -23.36 16.15
CA MET C 313 27.57 -23.64 12.37
CA PRO C 314 24.02 -24.47 11.17
CA GLU C 315 24.55 -23.33 7.61
CA VAL C 316 27.57 -25.64 7.25
CA TYR C 317 26.05 -28.66 9.05
CA LYS C 318 22.98 -28.13 6.83
CA ALA C 319 24.71 -27.72 3.46
CA ILE C 320 26.67 -30.96 3.40
CA ASN C 321 23.48 -32.51 4.75
CA ILE C 322 21.38 -31.26 1.83
CA ALA C 323 24.09 -32.39 -0.59
CA GLN C 324 24.01 -35.70 1.27
CA ASN C 325 20.41 -36.44 0.24
CA THR C 326 20.45 -36.08 -3.58
CA ALA C 327 19.53 -39.53 -4.97
CA TRP C 328 21.49 -41.35 -7.68
CA LYS C 329 20.70 -44.63 -9.48
CA ILE C 330 23.41 -45.91 -11.89
CA ASN C 331 22.99 -45.20 -15.62
CA LYS C 332 22.11 -48.78 -16.64
CA LYS C 333 22.53 -47.65 -20.25
CA VAL C 334 26.25 -47.12 -19.62
CA LEU C 335 26.65 -50.60 -18.13
CA ALA C 336 25.96 -53.01 -20.98
CA VAL C 337 28.38 -50.76 -22.88
CA ALA C 338 30.94 -50.83 -20.08
CA ASN C 339 30.75 -54.49 -19.09
CA VAL C 340 31.15 -55.41 -22.73
CA ILE C 341 33.50 -52.68 -23.99
CA THR C 342 36.12 -52.87 -21.20
CA LYS C 343 36.86 -56.62 -21.12
CA TRP C 344 37.66 -57.27 -24.78
CA LYS C 345 40.78 -55.64 -26.28
CA VAL C 349 38.15 -51.06 -24.96
CA GLU C 350 38.15 -48.49 -27.79
CA ASP C 351 38.51 -46.01 -24.93
CA ILE C 352 41.85 -45.56 -23.11
CA PRO C 353 40.60 -47.50 -20.06
CA ALA C 354 42.83 -49.50 -17.71
CA ILE C 355 42.19 -53.20 -18.52
CA GLU C 356 44.81 -53.81 -21.18
CA ARG C 357 44.07 -57.57 -20.94
CA GLU C 358 47.56 -58.64 -22.09
CA GLU C 359 50.55 -57.47 -19.98
CA LEU C 360 53.45 -55.56 -21.56
CA PRO C 361 56.34 -58.05 -21.81
CA MET C 362 59.90 -57.21 -20.77
CA LYS C 363 62.02 -56.23 -23.81
CA PRO C 364 63.91 -59.04 -25.57
CA GLU C 365 67.34 -59.19 -23.84
CA ASP C 366 70.24 -58.74 -26.27
CA ILE C 367 73.42 -60.92 -26.35
CA ASP C 368 75.82 -58.16 -25.10
CA MET C 369 76.41 -57.72 -21.34
CA ASN C 370 78.64 -54.67 -20.72
CA PRO C 371 78.01 -51.81 -23.19
CA GLU C 372 75.52 -48.97 -22.67
CA ALA C 373 73.07 -51.62 -23.88
CA LEU C 374 72.77 -52.16 -20.13
CA THR C 375 71.61 -48.69 -19.07
CA ALA C 376 69.41 -48.87 -22.16
CA TRP C 377 67.79 -52.17 -21.20
CA LYS C 378 67.71 -50.83 -17.65
CA ARG C 379 65.19 -48.17 -18.60
CA ALA C 380 63.55 -50.40 -21.21
CA ALA C 381 62.63 -52.87 -18.45
CA ALA C 382 62.14 -50.19 -15.80
CA ALA C 383 59.23 -48.43 -17.51
CA VAL C 384 57.60 -51.63 -18.81
CA TYR C 385 57.65 -52.93 -15.23
CA ARG C 386 56.33 -49.66 -13.75
CA LYS C 387 53.53 -49.68 -16.36
CA ASP C 388 51.74 -52.89 -15.35
CA LYS C 389 52.95 -51.94 -11.84
CA ALA C 390 50.79 -48.82 -12.10
CA ARG C 391 48.22 -50.53 -14.33
CA LYS C 392 47.30 -53.69 -12.42
CA SER C 393 45.40 -51.22 -10.27
CA ARG C 394 43.74 -49.44 -13.19
CA ARG C 395 42.08 -52.84 -13.59
CA ILE C 396 41.68 -53.76 -9.92
CA SER C 397 39.79 -50.49 -9.37
CA LEU C 398 38.19 -50.26 -12.82
CA GLU C 399 36.43 -53.51 -11.91
CA PHE C 400 35.67 -52.69 -8.28
CA MET C 401 33.89 -49.59 -9.64
CA LEU C 402 32.12 -51.67 -12.30
CA GLU C 403 31.19 -54.72 -10.27
CA GLN C 404 29.84 -52.20 -7.77
CA ALA C 405 26.98 -50.66 -9.83
CA ASN C 406 25.90 -54.04 -11.15
CA LYS C 407 25.51 -54.81 -7.43
CA PHE C 408 23.35 -51.77 -6.65
CA ALA C 409 22.12 -51.50 -10.25
CA ASN C 410 18.43 -52.40 -10.31
CA HIS C 411 18.16 -50.52 -7.02
CA LYS C 412 15.59 -47.69 -7.07
CA ALA C 413 18.05 -45.00 -5.87
CA ILE C 414 21.46 -44.66 -4.12
CA TRP C 415 22.63 -42.19 -1.50
CA PHE C 416 26.31 -41.37 -1.19
CA PRO C 417 27.10 -40.06 2.30
CA TYR C 418 29.41 -37.03 2.69
CA ASN C 419 32.08 -35.32 4.89
CA MET C 420 34.72 -32.57 4.46
CA ASP C 421 38.48 -32.16 4.93
CA TRP C 422 39.90 -29.91 7.63
CA ARG C 423 39.79 -27.08 5.11
CA GLY C 424 36.14 -27.23 4.01
CA ARG C 425 35.79 -29.01 0.59
CA VAL C 426 33.06 -31.68 0.62
CA TYR C 427 33.86 -35.32 -0.21
CA ALA C 428 31.53 -38.23 -0.89
CA VAL C 429 32.19 -41.22 1.38
CA SER C 430 32.47 -44.41 -0.72
CA MET C 431 34.65 -46.13 -3.35
CA PHE C 432 31.97 -45.80 -6.01
CA ASN C 433 30.93 -42.15 -5.90
CA PRO C 434 30.02 -39.37 -8.41
CA GLN C 435 33.44 -37.78 -7.82
CA GLY C 436 35.58 -40.64 -9.08
CA ASN C 437 37.23 -40.92 -12.49
CA ASP C 438 35.21 -41.06 -15.70
CA MET C 439 33.53 -44.47 -15.96
CA THR C 440 32.86 -44.30 -12.21
CA LYS C 441 30.86 -41.15 -12.96
CA GLY C 442 29.45 -42.09 -16.34
CA LEU C 443 27.83 -45.13 -14.73
CA LEU C 444 25.87 -42.77 -12.46
CA THR C 445 22.87 -40.45 -12.93
CA LEU C 446 20.35 -38.73 -10.68
CA ALA C 447 17.03 -40.40 -9.77
CA LYS C 448 14.66 -37.42 -9.47
CA GLY C 449 14.40 -35.93 -12.97
CA LYS C 450 12.15 -33.30 -14.54
CA PRO C 451 10.94 -32.94 -18.18
CA ILE C 452 13.72 -31.38 -20.25
CA GLY C 453 12.77 -27.81 -21.03
CA LYS C 454 13.73 -25.82 -24.10
CA GLU C 455 16.60 -24.31 -22.16
CA GLY C 456 17.22 -27.55 -20.29
CA TYR C 457 17.96 -29.15 -23.65
CA TYR C 458 20.19 -26.18 -24.49
CA TRP C 459 22.32 -27.11 -21.49
CA LEU C 460 22.53 -30.84 -22.28
CA LYS C 461 23.79 -29.57 -25.63
CA ILE C 462 26.65 -27.73 -23.95
CA HIS C 463 27.20 -30.71 -21.65
CA GLY C 464 27.95 -33.06 -24.53
CA ALA C 465 29.78 -30.20 -26.23
CA ASN C 466 31.91 -29.84 -23.09
CA CYS C 467 32.80 -33.55 -22.90
CA ALA C 468 34.26 -33.62 -26.41
CA GLY C 469 35.20 -30.19 -27.76
CA VAL C 470 33.79 -27.01 -26.17
CA ASP C 471 35.64 -25.54 -23.15
CA LYS C 472 37.47 -23.11 -25.48
CA VAL C 473 35.00 -21.62 -28.00
CA PRO C 474 31.96 -19.54 -27.01
CA PHE C 475 28.48 -20.86 -26.19
CA PRO C 476 27.07 -20.46 -29.74
CA GLU C 477 30.01 -22.40 -31.22
CA ARG C 478 29.68 -24.98 -28.45
CA ILE C 479 26.07 -25.70 -29.47
CA LYS C 480 27.25 -26.11 -33.06
CA PHE C 481 29.32 -29.21 -32.22
CA ILE C 482 26.41 -31.40 -31.08
CA GLU C 483 24.14 -30.05 -33.88
CA GLU C 484 26.91 -30.49 -36.48
CA ASN C 485 27.20 -34.06 -35.22
CA HIS C 486 23.48 -34.80 -34.82
CA GLU C 487 23.59 -37.96 -36.95
CA ASN C 488 26.90 -38.90 -35.32
CA ILE C 489 25.57 -38.59 -31.77
CA MET C 490 22.58 -40.63 -32.93
CA ALA C 491 24.92 -43.13 -34.57
CA CYS C 492 27.26 -43.53 -31.58
CA ALA C 493 24.26 -44.15 -29.31
CA LYS C 494 22.20 -46.86 -31.07
CA THR C 500 32.15 -45.71 -31.13
CA TRP C 501 32.65 -41.99 -31.78
CA TRP C 502 32.17 -41.44 -28.05
CA ALA C 503 35.22 -43.42 -26.91
CA GLU C 504 37.35 -41.22 -29.14
CA GLN C 505 36.03 -38.15 -27.30
CA ASP C 506 37.71 -36.46 -24.19
CA SER C 507 35.36 -37.09 -21.07
CA PRO C 508 34.79 -40.36 -22.65
CA PHE C 509 32.01 -42.01 -20.76
CA CYS C 510 29.76 -38.96 -20.27
CA PHE C 511 29.64 -38.25 -23.90
CA LEU C 512 28.06 -41.86 -24.28
CA ALA C 513 25.89 -41.14 -21.24
CA PHE C 514 24.99 -37.77 -22.73
CA CYS C 515 24.37 -39.31 -26.17
CA PHE C 516 21.70 -41.57 -24.70
CA GLU C 517 20.02 -38.38 -23.50
CA TYR C 518 20.39 -36.56 -26.79
CA ALA C 519 18.75 -39.44 -28.65
CA GLY C 520 16.11 -39.21 -25.92
CA VAL C 521 15.02 -35.58 -26.14
CA GLN C 522 14.72 -36.35 -29.84
CA HIS C 523 12.50 -39.38 -29.44
CA HIS C 524 10.32 -38.22 -26.55
CA GLY C 525 10.31 -34.45 -27.09
CA LEU C 526 10.88 -31.59 -24.64
CA SER C 527 9.02 -33.54 -22.00
CA TYR C 528 11.33 -36.56 -21.79
CA ASN C 529 12.13 -36.25 -18.03
CA CYS C 530 15.93 -36.67 -18.37
CA SER C 531 18.03 -36.54 -15.18
CA LEU C 532 21.59 -36.34 -16.59
CA PRO C 533 23.46 -33.91 -14.29
CA LEU C 534 25.15 -31.17 -16.29
CA ALA C 535 28.50 -30.76 -14.51
CA PHE C 536 29.47 -27.11 -14.82
CA ASP C 537 33.17 -26.90 -13.99
CA GLY C 538 34.92 -23.75 -12.78
CA SER C 539 37.98 -21.94 -14.21
CA CYS C 540 41.15 -21.35 -12.17
CA SER C 541 38.96 -21.18 -9.07
CA GLY C 542 41.82 -19.73 -7.07
CA ILE C 543 42.79 -16.65 -9.01
CA GLN C 544 39.10 -15.67 -9.12
CA HIS C 545 38.40 -16.02 -5.39
CA PHE C 546 41.51 -13.87 -4.94
CA SER C 547 40.93 -11.46 -7.84
CA ALA C 548 37.41 -11.02 -6.45
CA MET C 549 37.72 -10.59 -2.70
CA LEU C 550 39.78 -7.62 -3.69
CA ARG C 551 38.25 -5.97 -6.98
CA ASP C 552 40.87 -6.72 -9.77
CA GLU C 553 39.11 -6.10 -13.05
CA VAL C 554 42.24 -7.08 -14.98
CA GLY C 555 43.24 -10.40 -13.16
CA GLY C 556 39.49 -11.44 -12.68
CA ARG C 557 38.41 -10.89 -16.31
CA ALA C 558 41.21 -13.15 -17.52
CA VAL C 559 40.03 -15.69 -14.91
CA ASN C 560 36.50 -15.40 -16.52
CA LEU C 561 34.40 -13.25 -14.25
CA LEU C 562 33.24 -10.38 -16.56
CA PRO C 563 30.91 -10.21 -19.62
CA SER C 564 30.82 -12.75 -22.47
CA GLU C 565 32.81 -12.48 -25.90
CA THR C 566 35.53 -15.16 -25.79
CA VAL C 567 36.53 -17.75 -23.17
CA GLN C 568 39.83 -15.95 -22.51
CA ASP C 569 42.64 -18.25 -21.35
CA ILE C 570 45.08 -16.85 -18.75
CA TYR C 571 47.88 -19.18 -19.84
CA GLY C 572 47.72 -17.73 -23.32
CA ILE C 573 47.60 -14.20 -21.84
CA VAL C 574 50.60 -14.69 -19.51
CA ALA C 575 52.59 -16.13 -22.42
CA LYS C 576 51.98 -13.06 -24.63
CA LYS C 577 52.37 -10.76 -21.61
CA VAL C 578 55.82 -12.04 -20.59
CA ASN C 579 56.84 -12.55 -24.25
CA GLU C 580 56.37 -8.83 -24.80
CA ILE C 581 58.34 -8.24 -21.58
CA LEU C 582 60.93 -10.70 -23.01
CA GLN C 583 61.57 -9.01 -26.39
CA ALA C 584 63.09 -6.16 -24.30
CA ASP C 585 64.87 -4.35 -27.15
CA ALA C 586 65.39 -6.76 -30.05
CA LEU C 611 69.19 -9.85 -22.58
CA GLY C 612 72.29 -11.70 -23.78
CA THR C 613 70.72 -15.08 -24.58
CA LYS C 614 67.39 -13.30 -25.14
CA ALA C 615 67.22 -14.75 -28.63
CA LEU C 616 67.84 -18.04 -26.81
CA ALA C 617 64.47 -17.47 -25.11
CA GLY C 618 63.06 -18.66 -28.44
CA GLN C 619 63.36 -22.16 -26.80
CA TRP C 620 59.49 -22.06 -26.84
CA LEU C 621 58.40 -18.57 -25.69
CA ALA C 622 54.76 -19.90 -25.90
CA TYR C 623 52.29 -20.95 -23.13
CA GLY C 624 53.77 -24.38 -22.21
CA VAL C 625 57.11 -22.62 -21.42
CA THR C 626 55.25 -20.37 -18.92
CA ARG C 627 52.10 -22.43 -18.08
CA SER C 628 52.73 -24.91 -15.19
CA VAL C 629 54.75 -22.20 -13.42
CA THR C 630 52.05 -19.51 -13.85
CA LYS C 631 49.44 -21.18 -11.58
CA ARG C 632 49.49 -23.79 -8.79
CA SER C 633 53.28 -23.47 -9.04
CA VAL C 634 54.30 -20.98 -6.35
CA MET C 635 53.38 -22.98 -3.25
CA PHE C 646 59.06 -14.77 -5.44
CA ARG C 647 62.12 -17.14 -5.65
CA GLN C 648 61.29 -20.24 -7.76
CA GLN C 649 59.51 -23.65 -7.98
CA VAL C 650 61.09 -27.15 -8.03
CA LEU C 651 58.48 -28.98 -10.16
CA GLU C 652 57.71 -25.86 -12.23
CA ASP C 653 61.19 -24.45 -13.01
CA THR C 654 63.26 -27.36 -14.40
CA ILE C 655 61.64 -29.51 -17.19
CA GLN C 656 61.75 -26.68 -19.90
CA PRO C 657 65.42 -26.43 -21.02
CA ALA C 658 65.95 -29.79 -19.26
CA ILE C 659 64.36 -31.23 -22.41
CA ASP C 660 64.52 -28.13 -24.62
CA SER C 661 68.26 -28.70 -25.07
CA GLY C 662 67.73 -31.88 -27.07
CA LYS C 663 65.08 -29.89 -29.01
CA GLY C 664 66.38 -26.34 -29.69
CA LEU C 665 70.19 -25.92 -29.89
CA MET C 666 71.33 -22.82 -27.96
CA PHE C 667 73.42 -22.46 -24.76
CA THR C 668 73.67 -21.16 -21.13
CA GLN C 669 71.55 -24.20 -20.03
CA PRO C 670 71.11 -23.90 -16.24
CA ASN C 671 71.46 -20.19 -15.40
CA GLN C 672 69.97 -17.78 -18.02
CA ALA C 673 67.03 -19.81 -19.34
CA ALA C 674 66.11 -21.09 -15.87
CA GLY C 675 66.63 -18.36 -13.29
CA TYR C 676 66.05 -15.38 -15.58
CA MET C 677 62.96 -16.82 -17.29
CA ALA C 678 61.81 -17.84 -13.83
CA LYS C 679 61.98 -14.16 -12.84
CA LEU C 680 59.96 -12.78 -15.78
CA ILE C 681 57.73 -15.85 -15.23
CA TRP C 682 56.73 -13.93 -12.13
CA GLU C 683 57.02 -10.39 -13.51
CA SER C 684 54.29 -11.35 -15.95
CA VAL C 685 52.18 -13.11 -13.30
CA SER C 686 52.53 -10.17 -10.88
CA VAL C 687 51.14 -7.79 -13.53
CA THR C 688 48.38 -10.18 -14.68
CA VAL C 689 46.79 -11.32 -11.40
CA VAL C 690 48.03 -8.60 -9.02
CA ALA C 691 45.36 -9.80 -6.57
CA ALA C 692 46.63 -13.37 -6.47
CA VAL C 693 50.18 -12.13 -5.89
CA GLU C 694 48.82 -9.60 -3.36
CA ALA C 695 46.53 -11.87 -1.34
CA MET C 696 48.92 -14.84 -1.59
CA ASN C 697 51.71 -12.62 -0.20
CA TRP C 698 49.54 -11.26 2.64
CA LEU C 699 48.29 -14.63 3.93
CA LYS C 700 51.90 -15.82 4.05
CA SER C 701 53.18 -13.07 6.31
CA ALA C 702 50.08 -13.61 8.48
CA ALA C 703 50.82 -17.33 8.56
CA LYS C 704 54.51 -16.71 9.35
CA LEU C 705 54.22 -14.17 12.19
CA LEU C 706 51.42 -16.27 13.75
CA ALA C 707 53.63 -19.40 13.45
CA ALA C 708 56.94 -17.79 14.48
CA LYS C 721 56.87 -22.39 15.14
CA ARG C 722 54.58 -21.50 17.59
CA CYS C 723 50.93 -20.94 16.59
CA ALA C 724 48.46 -22.22 14.01
CA VAL C 725 46.67 -20.06 11.45
CA HIS C 726 42.93 -19.82 12.22
CA TRP C 727 40.31 -18.38 9.89
CA VAL C 728 36.57 -18.90 9.26
CA THR C 729 34.79 -19.59 5.98
CA PRO C 730 31.63 -17.53 5.18
CA ASP C 731 29.42 -20.55 6.10
CA GLY C 732 30.67 -20.24 9.65
CA PHE C 733 32.90 -23.29 9.32
CA PRO C 734 36.12 -22.56 11.23
CA VAL C 735 39.51 -23.73 9.91
CA TRP C 736 42.65 -24.49 11.92
CA GLN C 737 45.70 -24.99 9.73
CA GLU C 738 48.26 -26.59 12.02
CA TYR C 739 51.07 -28.14 9.98
CA LYS C 740 53.70 -30.09 11.90
CA LYS C 741 57.11 -31.71 11.75
CA PRO C 742 56.40 -35.43 12.39
CA ILE C 743 58.11 -37.91 14.70
CA GLN C 744 59.33 -41.02 12.84
CA THR C 745 60.41 -44.37 14.27
CA ARG C 746 61.91 -47.09 12.06
CA LEU C 747 60.63 -50.49 13.16
CA ASN C 748 61.60 -54.06 12.32
CA LEU C 749 59.42 -56.57 10.43
CA MET C 750 60.25 -60.28 10.79
CA PHE C 755 62.99 -61.37 4.91
CA ARG C 756 63.47 -58.74 7.34
CA LEU C 757 62.08 -55.34 6.30
CA GLN C 758 62.29 -52.13 8.32
CA PRO C 759 60.39 -49.09 6.87
CA THR C 760 60.32 -45.63 8.46
CA ILE C 761 56.86 -45.08 9.94
CA ASN C 762 55.28 -41.78 10.95
CA THR C 763 54.06 -42.16 14.60
CA ASN C 764 51.61 -39.92 16.50
CA LYS C 765 52.57 -36.80 14.53
CA ASP C 766 52.90 -34.44 17.49
CA SER C 767 56.13 -32.50 18.09
CA GLU C 768 56.33 -28.91 16.81
CA ILE C 769 54.67 -26.80 14.11
CA ASP C 770 56.26 -27.11 10.67
CA ALA C 771 56.71 -23.32 10.51
CA HIS C 772 57.76 -23.68 6.87
CA LYS C 773 54.93 -25.87 5.61
CA GLN C 774 52.35 -23.36 6.82
CA GLU C 775 53.95 -20.46 4.93
CA SER C 776 53.66 -22.32 1.62
CA GLY C 777 50.35 -23.93 2.45
CA ILE C 778 48.56 -20.77 3.57
CA ALA C 779 47.34 -19.38 0.26
CA PRO C 780 46.35 -22.62 -1.52
CA ASN C 781 44.97 -23.90 1.80
CA PHE C 782 42.96 -20.66 2.11
CA VAL C 783 41.17 -20.37 -1.25
CA HIS C 784 40.32 -24.07 -0.90
CA SER C 785 38.43 -23.31 2.30
CA GLN C 786 36.72 -20.38 0.52
CA ASP C 787 35.64 -22.22 -2.64
CA GLY C 788 34.52 -25.01 -0.35
CA SER C 789 32.29 -22.51 1.42
CA HIS C 790 30.96 -21.02 -1.81
CA LEU C 791 29.80 -24.55 -2.66
CA ARG C 792 28.20 -25.19 0.73
CA LYS C 793 26.19 -22.01 0.11
CA THR C 794 25.14 -22.76 -3.47
CA VAL C 795 23.83 -26.16 -2.37
CA VAL C 796 21.62 -24.57 0.31
CA TRP C 797 20.64 -21.47 -1.68
CA ALA C 798 19.87 -23.12 -5.03
CA HIS C 799 17.65 -25.35 -2.88
CA GLU C 800 16.06 -22.89 -0.45
CA LYS C 801 15.44 -20.45 -3.29
CA TYR C 802 14.94 -22.08 -6.70
CA GLY C 803 13.83 -25.27 -4.98
CA ILE C 804 16.35 -27.56 -6.70
CA GLU C 805 16.77 -30.86 -4.86
CA SER C 806 19.35 -32.89 -6.82
CA PHE C 807 23.00 -31.77 -6.88
CA ALA C 808 26.16 -33.36 -8.36
CA LEU C 809 29.01 -32.14 -6.14
CA ILE C 810 32.66 -32.27 -7.18
CA HIS C 811 33.80 -29.35 -4.95
CA ASP C 812 34.51 -27.20 -8.04
CA SER C 813 31.86 -28.34 -10.50
CA PHE C 814 28.22 -27.95 -9.51
CA GLY C 815 25.32 -29.59 -11.31
CA THR C 816 21.65 -30.50 -11.25
CA ILE C 817 19.12 -32.06 -13.62
CA PRO C 818 18.67 -30.22 -16.96
CA ALA C 819 15.45 -28.70 -15.59
CA ASP C 820 17.11 -26.64 -12.84
CA ALA C 821 20.28 -26.23 -14.90
CA ALA C 822 19.36 -22.63 -15.70
CA ASN C 823 18.48 -21.91 -12.05
CA LEU C 824 21.64 -23.43 -10.54
CA PHE C 825 23.93 -21.46 -12.89
CA LYS C 826 22.14 -18.40 -11.53
CA ALA C 827 22.50 -19.26 -7.81
CA VAL C 828 26.26 -19.86 -8.22
CA ARG C 829 26.62 -16.17 -9.17
CA GLU C 830 24.26 -14.88 -6.46
CA THR C 831 26.15 -16.51 -3.60
CA MET C 832 29.53 -15.64 -5.13
CA VAL C 833 28.55 -11.95 -5.30
CA ASP C 834 26.72 -11.94 -1.92
CA THR C 835 29.77 -13.45 -0.18
CA TYR C 836 32.51 -10.97 -1.15
CA GLU C 837 30.00 -8.08 -1.13
CA SER C 838 29.44 -8.49 2.64
CA CYS C 839 32.80 -9.97 3.64
CA ASP C 840 36.28 -8.47 3.82
CA VAL C 841 37.98 -11.94 3.86
CA LEU C 842 41.62 -10.84 4.48
CA ALA C 843 40.78 -7.98 6.86
CA ASP C 844 38.26 -10.27 8.55
CA PHE C 845 41.11 -12.77 8.94
CA TYR C 846 43.41 -10.01 10.22
CA ASP C 847 40.88 -9.65 13.06
CA GLN C 848 41.99 -13.10 14.25
CA PHE C 849 45.74 -13.76 14.60
CA ALA C 850 46.59 -10.08 15.21
CA ASP C 851 45.72 -10.70 18.87
CA GLN C 852 47.88 -13.87 18.99
CA LEU C 853 50.99 -12.15 17.50
CA HIS C 854 51.73 -10.93 21.05
CA GLU C 855 55.49 -10.88 20.52
CA SER C 856 57.35 -7.74 19.43
CA GLN C 857 56.15 -8.87 15.97
CA LEU C 858 53.42 -6.18 16.30
CA ASP C 859 55.30 -4.30 13.56
CA LYS C 860 55.82 -6.96 10.90
CA MET C 861 52.63 -8.03 8.91
CA PRO C 862 52.30 -5.81 5.79
CA ALA C 863 49.29 -3.54 5.17
CA LEU C 864 46.14 -5.20 3.81
CA PRO C 865 45.98 -5.16 -0.04
CA ALA C 866 44.20 -2.25 -1.72
CA LYS C 867 40.82 -3.44 -3.06
CA GLY C 868 40.57 -3.07 -6.85
CA ASN C 869 38.14 -0.89 -8.82
CA LEU C 870 36.05 -3.96 -9.81
CA ASN C 871 32.37 -4.04 -8.76
CA LEU C 872 31.04 -7.53 -7.97
CA ARG C 873 27.53 -6.84 -9.36
CA ASP C 874 28.80 -8.13 -12.75
CA ILE C 875 29.70 -11.74 -11.88
CA LEU C 876 25.94 -12.33 -11.92
CA GLU C 877 26.08 -11.82 -15.65
CA SER C 878 29.52 -13.26 -16.47
CA ASP C 879 28.32 -16.40 -18.22
CA PHE C 880 31.81 -17.80 -18.80
CA ALA C 881 32.90 -17.32 -15.15
CA PHE C 882 31.16 -20.49 -13.97
CA ALA C 883 30.37 -22.26 -17.26
#